data_5KCA
#
_entry.id   5KCA
#
_cell.length_a   142.680
_cell.length_b   142.680
_cell.length_c   276.140
_cell.angle_alpha   90.00
_cell.angle_beta   90.00
_cell.angle_gamma   120.00
#
_symmetry.space_group_name_H-M   'P 61 2 2'
#
loop_
_entity.id
_entity.type
_entity.pdbx_description
1 polymer 'Cerebellin-1,Cerebellin-1,Cerebellin-1,Glutamate receptor ionotropic, delta-2'
2 non-polymer 'CALCIUM ION'
#
_entity_poly.entity_id   1
_entity_poly.type   'polypeptide(L)'
_entity_poly.pdbx_seq_one_letter_code
;ETGSAKVAFSAIRSTNHEPSEMSNRTMIIYFDQVLVNIGNNFDSERSTFIAPRKGIYSFNFHVVKVYNRQTIQVSLMLNG
WPVISAFAGDQDVTREAASNGVLIQMEKGDRAYLKLERGNLMGGWKYSTFSGFLVFPLGSELGSGSAKVAFSAIRSTNHE
PSEMSNRTMIIYFDQVLVNIGNNFDSERSTFIAPRKGIYSFNFHVVKVYNRQTIQVSLMLNGWPVISAFAGDQDVTREAA
SNGVLIQMEKGDRAYLKLERGNLMGGWKYSTFSGFLVFPLGSASGSGSAKVAFSAIRSTNHEPSEMSNRTMIIYFDQVLV
NIGNNFDSERSTFIAPRKGIYSFNFHVVKVYNRQTIQVSLMLNGWPVISAFAGDQDVTREAASNGVLIQMEKGDRAYLKL
ERGNLMGGWKYSTFSGFLVFPLGTGGSGGSGGSGGSGGSGGSGGSGGSGGSGGSDSIIHIGAIFDESAKKDDEVFRTAVG
DLNQNEEILQTEKITFSVTFVDGNNPFQAVQEACELMNQGILALVSSIGCTSAGSLQSLADAMHIPHLFIQRSTAGTPRS
GCGLTRSNRNDDYTLSVRPPVYLHDVILRVVTEYAWQKFIIFYDSEYDIRGIQEFLDKVSQQGMDVALQKVENNINKMIT
TLFDTMRIEELNRYRDTLRRAILVMNPATAKSFITEVVETNLVAFDCHWIIINEEINDVDVQELVRRSIGRLTIIRQTFP
VPQNISQRCFRGNHRISSTLCDPKDPFAQNMEISNLYIYDTVLLLANAFHKKLEDRKWHSMASLSCIRKNSKPWQGGRSM
LETIKKGGVSGLTGELEFGENGGNPNVHFEILGTNYGEELGRGVRKLGCWNPVTGLNGSLTDKKLENNMRGKHHHHHH
;
_entity_poly.pdbx_strand_id   A
#
loop_
_chem_comp.id
_chem_comp.type
_chem_comp.name
_chem_comp.formula
CA non-polymer 'CALCIUM ION' 'Ca 2'
#
# COMPACT_ATOMS: atom_id res chain seq x y z
N SER A 4 -3.10 43.30 -16.49
CA SER A 4 -2.01 43.85 -15.70
C SER A 4 -1.16 42.73 -15.11
N ALA A 5 -0.05 43.10 -14.48
CA ALA A 5 0.84 42.14 -13.85
C ALA A 5 0.63 42.08 -12.34
N LYS A 6 -0.51 42.61 -11.89
CA LYS A 6 -0.89 42.57 -10.49
C LYS A 6 -2.09 41.66 -10.27
N VAL A 7 -1.82 40.42 -9.87
CA VAL A 7 -2.88 39.42 -9.70
C VAL A 7 -2.65 38.62 -8.44
N ALA A 8 -3.65 38.65 -7.56
CA ALA A 8 -3.57 37.96 -6.28
C ALA A 8 -4.96 37.76 -5.71
N PHE A 9 -5.16 36.67 -4.98
CA PHE A 9 -6.42 36.43 -4.29
C PHE A 9 -6.16 35.77 -2.95
N SER A 10 -7.13 35.89 -2.05
CA SER A 10 -7.03 35.33 -0.71
C SER A 10 -8.42 35.12 -0.16
N ALA A 11 -8.70 33.90 0.28
CA ALA A 11 -10.01 33.53 0.79
C ALA A 11 -9.88 32.66 2.03
N ILE A 12 -10.80 32.86 2.98
CA ILE A 12 -10.80 32.10 4.22
C ILE A 12 -12.19 31.56 4.51
N ARG A 13 -12.25 30.52 5.34
CA ARG A 13 -13.52 30.03 5.86
C ARG A 13 -13.79 30.65 7.21
N SER A 14 -14.74 31.58 7.23
CA SER A 14 -15.08 32.31 8.43
C SER A 14 -16.19 31.64 9.24
N THR A 15 -16.62 30.45 8.84
CA THR A 15 -17.78 29.84 9.50
C THR A 15 -17.63 28.35 9.75
N ASN A 16 -18.34 27.91 10.77
CA ASN A 16 -18.42 26.51 11.17
C ASN A 16 -19.44 25.69 10.39
N HIS A 17 -20.27 26.37 9.59
CA HIS A 17 -21.36 25.72 8.87
C HIS A 17 -20.97 24.52 8.00
N GLU A 18 -21.87 23.54 7.97
CA GLU A 18 -21.70 22.31 7.21
C GLU A 18 -21.70 22.63 5.73
N PRO A 19 -21.13 21.73 4.90
CA PRO A 19 -21.15 21.96 3.46
C PRO A 19 -22.56 21.93 2.88
N SER A 20 -22.75 22.68 1.79
CA SER A 20 -24.03 22.76 1.11
C SER A 20 -24.27 21.50 0.30
N GLU A 21 -25.49 21.33 -0.19
CA GLU A 21 -25.81 20.21 -1.06
C GLU A 21 -24.87 20.17 -2.26
N MET A 22 -24.72 21.30 -2.93
CA MET A 22 -23.83 21.37 -4.07
C MET A 22 -22.38 21.02 -3.71
N SER A 23 -21.89 21.58 -2.61
CA SER A 23 -20.54 21.27 -2.17
C SER A 23 -20.37 19.77 -1.91
N ASN A 24 -21.40 19.14 -1.37
CA ASN A 24 -21.38 17.71 -1.11
C ASN A 24 -21.32 16.91 -2.41
N ARG A 25 -21.95 17.43 -3.45
CA ARG A 25 -21.98 16.78 -4.76
C ARG A 25 -20.71 17.00 -5.59
N THR A 26 -20.19 18.22 -5.57
CA THR A 26 -19.02 18.58 -6.38
C THR A 26 -17.73 18.30 -5.61
N MET A 27 -17.84 18.30 -4.28
CA MET A 27 -16.70 18.13 -3.39
C MET A 27 -15.71 19.30 -3.43
N ILE A 28 -16.08 20.40 -4.08
CA ILE A 28 -15.21 21.57 -4.16
C ILE A 28 -15.31 22.36 -2.87
N ILE A 29 -14.18 22.56 -2.21
CA ILE A 29 -14.13 23.29 -0.95
C ILE A 29 -14.39 24.78 -1.15
N TYR A 30 -15.46 25.25 -0.50
CA TYR A 30 -15.91 26.63 -0.59
C TYR A 30 -15.33 27.56 0.49
N PHE A 31 -15.04 28.79 0.09
CA PHE A 31 -14.50 29.82 0.98
C PHE A 31 -15.37 31.07 0.89
N ASP A 32 -16.14 31.33 1.94
CA ASP A 32 -17.09 32.43 1.95
C ASP A 32 -16.51 33.84 2.07
N GLN A 33 -15.33 33.99 2.68
CA GLN A 33 -14.75 35.31 2.87
C GLN A 33 -13.51 35.53 2.02
N VAL A 34 -13.59 36.50 1.11
CA VAL A 34 -12.49 36.86 0.23
C VAL A 34 -11.83 38.16 0.68
N LEU A 35 -10.60 38.06 1.16
CA LEU A 35 -9.86 39.22 1.64
C LEU A 35 -9.24 40.00 0.48
N VAL A 36 -8.69 39.26 -0.48
CA VAL A 36 -8.03 39.89 -1.62
C VAL A 36 -8.56 39.29 -2.93
N ASN A 37 -8.73 40.14 -3.94
CA ASN A 37 -9.17 39.71 -5.26
C ASN A 37 -8.80 40.71 -6.34
N ILE A 38 -7.52 41.06 -6.38
CA ILE A 38 -7.02 41.99 -7.39
C ILE A 38 -7.12 41.36 -8.78
N GLY A 39 -7.95 41.95 -9.62
CA GLY A 39 -8.21 41.46 -10.96
C GLY A 39 -9.52 40.70 -11.05
N ASN A 40 -10.15 40.44 -9.90
CA ASN A 40 -11.41 39.70 -9.86
C ASN A 40 -11.31 38.38 -10.62
N ASN A 41 -10.17 37.72 -10.51
CA ASN A 41 -9.90 36.48 -11.22
C ASN A 41 -10.30 35.25 -10.41
N PHE A 42 -10.66 35.48 -9.15
CA PHE A 42 -11.15 34.43 -8.27
C PHE A 42 -12.67 34.45 -8.23
N ASP A 43 -13.30 33.36 -8.66
CA ASP A 43 -14.75 33.26 -8.66
C ASP A 43 -15.20 32.77 -7.29
N SER A 44 -15.65 33.72 -6.48
CA SER A 44 -16.09 33.45 -5.12
C SER A 44 -17.25 32.47 -5.05
N GLU A 45 -18.15 32.54 -6.03
CA GLU A 45 -19.28 31.63 -6.07
C GLU A 45 -18.82 30.17 -6.26
N ARG A 46 -17.81 29.96 -7.10
CA ARG A 46 -17.29 28.62 -7.35
C ARG A 46 -15.99 28.34 -6.59
N SER A 47 -15.47 29.36 -5.92
CA SER A 47 -14.20 29.23 -5.19
C SER A 47 -13.09 28.70 -6.09
N THR A 48 -13.05 29.24 -7.31
CA THR A 48 -12.13 28.79 -8.34
C THR A 48 -11.37 29.99 -8.87
N PHE A 49 -10.07 29.82 -9.08
CA PHE A 49 -9.24 30.88 -9.66
C PHE A 49 -9.00 30.63 -11.15
N ILE A 50 -9.37 31.61 -11.97
CA ILE A 50 -9.17 31.53 -13.41
C ILE A 50 -8.03 32.44 -13.82
N ALA A 51 -6.95 31.85 -14.28
CA ALA A 51 -5.77 32.60 -14.69
C ALA A 51 -6.08 33.54 -15.87
N PRO A 52 -5.87 34.85 -15.68
CA PRO A 52 -6.18 35.84 -16.72
C PRO A 52 -5.14 35.88 -17.84
N ARG A 53 -3.99 35.27 -17.61
CA ARG A 53 -2.90 35.31 -18.59
C ARG A 53 -1.85 34.25 -18.30
N LYS A 54 -1.00 34.00 -19.30
CA LYS A 54 0.09 33.05 -19.14
C LYS A 54 1.14 33.56 -18.17
N GLY A 55 1.50 32.73 -17.20
CA GLY A 55 2.52 33.07 -16.23
C GLY A 55 2.68 32.00 -15.18
N ILE A 56 3.62 32.21 -14.26
CA ILE A 56 3.82 31.31 -13.14
C ILE A 56 2.98 31.81 -11.96
N TYR A 57 2.22 30.90 -11.36
CA TYR A 57 1.36 31.26 -10.24
C TYR A 57 1.74 30.46 -9.01
N SER A 58 1.55 31.08 -7.85
CA SER A 58 1.82 30.45 -6.58
C SER A 58 0.52 30.22 -5.86
N PHE A 59 0.38 29.04 -5.27
CA PHE A 59 -0.80 28.70 -4.50
C PHE A 59 -0.41 28.08 -3.18
N ASN A 60 -1.12 28.49 -2.14
CA ASN A 60 -0.94 27.95 -0.82
C ASN A 60 -2.31 27.73 -0.23
N PHE A 61 -2.48 26.64 0.51
CA PHE A 61 -3.75 26.39 1.17
C PHE A 61 -3.51 25.70 2.49
N HIS A 62 -4.40 25.96 3.42
CA HIS A 62 -4.39 25.34 4.72
C HIS A 62 -5.84 25.05 5.04
N VAL A 63 -6.23 23.78 4.98
CA VAL A 63 -7.62 23.43 5.23
C VAL A 63 -7.72 22.85 6.62
N VAL A 64 -8.34 23.65 7.50
CA VAL A 64 -8.41 23.31 8.91
C VAL A 64 -9.70 22.60 9.27
N LYS A 65 -9.58 21.46 9.95
CA LYS A 65 -10.74 20.79 10.53
C LYS A 65 -10.46 20.70 12.02
N VAL A 66 -10.96 21.67 12.77
CA VAL A 66 -10.71 21.72 14.21
C VAL A 66 -11.51 20.63 14.90
N TYR A 67 -12.62 20.25 14.27
CA TYR A 67 -13.49 19.23 14.81
C TYR A 67 -13.53 18.12 13.77
N ASN A 68 -12.49 17.30 13.79
CA ASN A 68 -12.26 16.29 12.79
C ASN A 68 -12.62 14.87 13.21
N ARG A 69 -13.05 14.09 12.23
CA ARG A 69 -13.31 12.67 12.40
C ARG A 69 -13.12 12.04 11.03
N GLN A 70 -12.39 10.92 11.00
CA GLN A 70 -12.08 10.23 9.74
C GLN A 70 -11.10 11.08 8.93
N THR A 71 -10.17 10.43 8.25
CA THR A 71 -9.13 11.14 7.51
C THR A 71 -9.63 11.76 6.21
N ILE A 72 -8.99 12.86 5.83
CA ILE A 72 -9.37 13.62 4.63
C ILE A 72 -8.19 13.78 3.70
N GLN A 73 -8.48 13.89 2.40
CA GLN A 73 -7.48 14.27 1.41
C GLN A 73 -7.90 15.50 0.63
N VAL A 74 -7.07 16.54 0.67
CA VAL A 74 -7.38 17.78 -0.03
C VAL A 74 -6.36 17.92 -1.16
N SER A 75 -6.85 18.17 -2.35
CA SER A 75 -5.99 18.33 -3.52
C SER A 75 -6.23 19.65 -4.23
N LEU A 76 -5.13 20.23 -4.73
CA LEU A 76 -5.24 21.41 -5.57
C LEU A 76 -5.44 20.91 -6.99
N MET A 77 -6.53 21.35 -7.63
CA MET A 77 -6.88 20.90 -8.96
C MET A 77 -6.59 21.94 -10.02
N LEU A 78 -6.00 21.48 -11.13
CA LEU A 78 -5.77 22.33 -12.29
C LEU A 78 -6.49 21.73 -13.50
N ASN A 79 -7.67 22.28 -13.80
CA ASN A 79 -8.49 21.81 -14.92
C ASN A 79 -8.92 20.37 -14.75
N GLY A 80 -9.29 20.00 -13.53
CA GLY A 80 -9.76 18.66 -13.23
C GLY A 80 -8.66 17.67 -12.93
N TRP A 81 -7.41 18.12 -12.99
CA TRP A 81 -6.29 17.24 -12.70
C TRP A 81 -5.59 17.67 -11.41
N PRO A 82 -5.30 16.72 -10.52
CA PRO A 82 -4.67 17.06 -9.23
C PRO A 82 -3.19 17.36 -9.37
N VAL A 83 -2.72 18.42 -8.73
CA VAL A 83 -1.32 18.80 -8.80
C VAL A 83 -0.61 18.37 -7.52
N ILE A 84 -1.13 18.83 -6.38
CA ILE A 84 -0.59 18.52 -5.07
C ILE A 84 -1.72 18.11 -4.15
N SER A 85 -1.43 17.21 -3.20
CA SER A 85 -2.44 16.73 -2.26
C SER A 85 -1.90 16.79 -0.84
N ALA A 86 -2.81 16.79 0.12
CA ALA A 86 -2.44 16.84 1.54
C ALA A 86 -3.44 16.08 2.38
N PHE A 87 -2.97 15.55 3.51
CA PHE A 87 -3.78 14.66 4.34
C PHE A 87 -3.82 15.15 5.76
N ALA A 88 -4.97 14.99 6.41
CA ALA A 88 -5.15 15.32 7.81
C ALA A 88 -6.01 14.33 8.57
N GLY A 89 -5.52 13.87 9.71
CA GLY A 89 -6.37 13.14 10.65
C GLY A 89 -6.31 11.63 10.70
N ASP A 90 -6.52 11.13 11.92
CA ASP A 90 -6.76 9.73 12.19
C ASP A 90 -8.25 9.51 12.38
N GLN A 91 -8.72 8.27 12.16
CA GLN A 91 -10.13 7.93 12.29
C GLN A 91 -10.74 8.43 13.60
N ASP A 92 -9.90 8.74 14.58
CA ASP A 92 -10.34 9.27 15.87
C ASP A 92 -10.70 10.74 15.76
N VAL A 93 -10.92 11.39 16.90
CA VAL A 93 -11.21 12.82 16.92
C VAL A 93 -9.95 13.60 17.26
N THR A 94 -9.70 14.66 16.51
CA THR A 94 -8.52 15.51 16.67
C THR A 94 -8.77 16.86 16.03
N ARG A 95 -7.76 17.72 16.04
CA ARG A 95 -7.78 18.95 15.27
C ARG A 95 -6.59 18.83 14.34
N GLU A 96 -6.86 18.84 13.04
CA GLU A 96 -5.80 18.66 12.04
C GLU A 96 -5.92 19.60 10.85
N ALA A 97 -4.78 19.94 10.25
CA ALA A 97 -4.78 20.85 9.12
C ALA A 97 -4.18 20.13 7.92
N ALA A 98 -4.78 20.33 6.75
CA ALA A 98 -4.23 19.85 5.49
C ALA A 98 -3.53 21.01 4.81
N SER A 99 -2.20 21.05 4.84
CA SER A 99 -1.48 22.16 4.24
C SER A 99 -0.52 21.71 3.17
N ASN A 100 -0.38 22.55 2.14
CA ASN A 100 0.58 22.32 1.07
C ASN A 100 0.62 23.55 0.17
N GLY A 101 1.64 23.62 -0.68
CA GLY A 101 1.80 24.76 -1.57
C GLY A 101 2.61 24.36 -2.77
N VAL A 102 2.49 25.13 -3.86
CA VAL A 102 3.19 24.80 -5.08
C VAL A 102 3.21 25.97 -6.03
N LEU A 103 4.19 25.97 -6.94
CA LEU A 103 4.24 26.93 -8.03
C LEU A 103 3.90 26.20 -9.32
N ILE A 104 2.93 26.70 -10.07
CA ILE A 104 2.56 26.10 -11.33
C ILE A 104 2.43 27.11 -12.45
N GLN A 105 2.63 26.64 -13.67
CA GLN A 105 2.40 27.45 -14.86
C GLN A 105 0.96 27.30 -15.29
N MET A 106 0.31 28.43 -15.55
CA MET A 106 -1.07 28.44 -16.01
C MET A 106 -1.21 29.23 -17.30
N GLU A 107 -2.15 28.79 -18.13
CA GLU A 107 -2.48 29.48 -19.37
C GLU A 107 -3.73 30.29 -19.09
N LYS A 108 -4.06 31.22 -19.98
CA LYS A 108 -5.25 32.03 -19.80
C LYS A 108 -6.50 31.14 -19.79
N GLY A 109 -7.35 31.33 -18.80
CA GLY A 109 -8.59 30.58 -18.68
C GLY A 109 -8.43 29.26 -17.93
N ASP A 110 -7.21 28.95 -17.52
CA ASP A 110 -6.95 27.75 -16.73
C ASP A 110 -7.60 27.91 -15.36
N ARG A 111 -8.18 26.83 -14.83
CA ARG A 111 -8.93 26.89 -13.57
C ARG A 111 -8.22 26.15 -12.45
N ALA A 112 -7.99 26.86 -11.35
CA ALA A 112 -7.40 26.26 -10.15
C ALA A 112 -8.38 26.29 -8.99
N TYR A 113 -8.53 25.15 -8.31
CA TYR A 113 -9.43 25.04 -7.17
C TYR A 113 -9.07 23.87 -6.26
N LEU A 114 -9.65 23.85 -5.07
CA LEU A 114 -9.44 22.74 -4.13
C LEU A 114 -10.61 21.77 -4.11
N LYS A 115 -10.30 20.48 -4.23
CA LYS A 115 -11.29 19.41 -4.20
C LYS A 115 -11.00 18.43 -3.07
N LEU A 116 -12.06 17.97 -2.39
CA LEU A 116 -11.91 17.00 -1.33
C LEU A 116 -12.00 15.57 -1.88
N GLU A 117 -10.83 15.03 -2.22
CA GLU A 117 -10.72 13.70 -2.82
C GLU A 117 -11.09 12.56 -1.86
N ARG A 118 -10.84 12.77 -0.58
CA ARG A 118 -11.10 11.77 0.44
C ARG A 118 -11.61 12.40 1.73
N GLY A 119 -12.41 11.63 2.47
CA GLY A 119 -12.96 12.10 3.73
C GLY A 119 -14.13 13.04 3.60
N ASN A 120 -14.47 13.71 4.70
CA ASN A 120 -15.62 14.62 4.75
C ASN A 120 -15.38 15.88 5.55
N LEU A 121 -16.26 16.87 5.38
CA LEU A 121 -16.15 18.13 6.08
C LEU A 121 -17.19 18.33 7.17
N MET A 122 -17.62 17.26 7.82
CA MET A 122 -18.53 17.41 8.95
C MET A 122 -17.81 18.11 10.11
N GLY A 123 -18.49 19.08 10.71
CA GLY A 123 -17.91 19.89 11.76
C GLY A 123 -17.40 21.21 11.24
N GLY A 124 -17.53 21.40 9.93
CA GLY A 124 -17.10 22.64 9.29
C GLY A 124 -15.60 22.62 9.07
N TRP A 125 -15.11 23.64 8.36
CA TRP A 125 -13.68 23.79 8.10
C TRP A 125 -13.22 25.21 8.39
N LYS A 126 -13.77 25.80 9.45
CA LYS A 126 -13.40 27.13 9.93
C LYS A 126 -11.90 27.29 10.08
N TYR A 127 -11.41 28.46 9.66
CA TYR A 127 -9.98 28.85 9.72
C TYR A 127 -9.20 28.37 8.52
N SER A 128 -9.86 27.64 7.64
CA SER A 128 -9.24 27.19 6.39
C SER A 128 -8.91 28.39 5.52
N THR A 129 -7.78 28.33 4.84
CA THR A 129 -7.33 29.42 3.99
C THR A 129 -6.99 28.91 2.61
N PHE A 130 -7.16 29.78 1.62
CA PHE A 130 -6.80 29.49 0.24
C PHE A 130 -6.42 30.79 -0.44
N SER A 131 -5.14 30.89 -0.81
CA SER A 131 -4.65 32.08 -1.49
C SER A 131 -3.70 31.72 -2.61
N GLY A 132 -3.38 32.71 -3.43
CA GLY A 132 -2.52 32.51 -4.58
C GLY A 132 -2.30 33.82 -5.30
N PHE A 133 -1.23 33.89 -6.09
CA PHE A 133 -0.92 35.09 -6.83
C PHE A 133 -0.02 34.82 -8.03
N LEU A 134 0.08 35.79 -8.93
CA LEU A 134 0.97 35.70 -10.08
C LEU A 134 2.37 36.17 -9.69
N VAL A 135 3.33 35.26 -9.76
CA VAL A 135 4.71 35.59 -9.44
C VAL A 135 5.26 36.48 -10.55
N PHE A 136 5.03 36.05 -11.78
CA PHE A 136 5.40 36.82 -12.96
C PHE A 136 4.71 36.22 -14.19
N PRO A 137 4.42 37.05 -15.20
CA PRO A 137 3.83 36.55 -16.45
C PRO A 137 4.88 36.00 -17.41
N LEU A 138 4.44 35.24 -18.41
CA LEU A 138 5.34 34.70 -19.43
C LEU A 138 4.91 35.14 -20.82
N SER A 146 17.75 38.67 -15.88
CA SER A 146 16.33 38.37 -15.79
C SER A 146 15.88 38.32 -14.33
N ALA A 147 14.73 38.95 -14.07
CA ALA A 147 14.14 39.00 -12.73
C ALA A 147 13.01 37.99 -12.59
N LYS A 148 12.97 37.02 -13.50
CA LYS A 148 11.99 35.95 -13.47
C LYS A 148 12.61 34.61 -13.11
N VAL A 149 12.53 34.25 -11.84
CA VAL A 149 13.15 33.03 -11.33
C VAL A 149 12.20 32.31 -10.37
N ALA A 150 11.89 31.06 -10.69
CA ALA A 150 10.97 30.28 -9.88
C ALA A 150 11.15 28.79 -10.17
N PHE A 151 10.95 27.96 -9.16
CA PHE A 151 10.99 26.52 -9.35
C PHE A 151 9.96 25.83 -8.46
N SER A 152 9.60 24.61 -8.84
CA SER A 152 8.61 23.83 -8.11
C SER A 152 8.81 22.36 -8.39
N ALA A 153 8.97 21.57 -7.33
CA ALA A 153 9.22 20.14 -7.47
C ALA A 153 8.41 19.36 -6.46
N ILE A 154 7.93 18.18 -6.89
CA ILE A 154 7.13 17.30 -6.07
C ILE A 154 7.63 15.87 -6.11
N ARG A 155 7.26 15.09 -5.09
CA ARG A 155 7.50 13.65 -5.09
C ARG A 155 6.23 12.96 -5.59
N SER A 156 6.28 12.46 -6.82
CA SER A 156 5.12 11.85 -7.46
C SER A 156 4.94 10.36 -7.26
N THR A 157 5.77 9.72 -6.44
CA THR A 157 5.73 8.27 -6.31
C THR A 157 5.89 7.87 -4.85
N ASN A 158 5.34 6.71 -4.51
CA ASN A 158 5.44 6.19 -3.16
C ASN A 158 6.76 5.47 -2.86
N HIS A 159 7.54 5.23 -3.92
CA HIS A 159 8.79 4.46 -3.83
C HIS A 159 9.80 4.94 -2.80
N GLU A 160 10.50 3.97 -2.22
CA GLU A 160 11.50 4.19 -1.19
C GLU A 160 12.67 5.01 -1.69
N PRO A 161 13.42 5.63 -0.77
CA PRO A 161 14.59 6.42 -1.13
C PRO A 161 15.69 5.55 -1.72
N SER A 162 16.49 6.16 -2.58
CA SER A 162 17.59 5.45 -3.23
C SER A 162 18.71 5.29 -2.22
N GLU A 163 19.67 4.44 -2.55
CA GLU A 163 20.86 4.25 -1.74
C GLU A 163 21.55 5.58 -1.51
N MET A 164 21.73 6.33 -2.59
CA MET A 164 22.37 7.64 -2.51
C MET A 164 21.63 8.61 -1.60
N SER A 165 20.31 8.69 -1.71
CA SER A 165 19.55 9.56 -0.83
C SER A 165 19.78 9.24 0.64
N ASN A 166 19.87 7.94 0.94
CA ASN A 166 20.15 7.48 2.30
C ASN A 166 21.54 7.89 2.78
N ARG A 167 22.49 7.93 1.84
CA ARG A 167 23.87 8.29 2.14
C ARG A 167 24.11 9.81 2.25
N THR A 168 23.49 10.57 1.36
CA THR A 168 23.68 12.02 1.31
C THR A 168 22.68 12.71 2.22
N MET A 169 21.57 12.04 2.48
CA MET A 169 20.44 12.56 3.26
C MET A 169 19.72 13.71 2.57
N ILE A 170 20.06 13.97 1.32
CA ILE A 170 19.42 15.05 0.56
C ILE A 170 18.08 14.56 0.03
N ILE A 171 16.99 15.24 0.39
CA ILE A 171 15.65 14.86 -0.04
C ILE A 171 15.44 15.13 -1.54
N TYR A 172 15.17 14.06 -2.28
CA TYR A 172 14.98 14.12 -3.73
C TYR A 172 13.53 14.30 -4.19
N PHE A 173 13.36 15.10 -5.25
CA PHE A 173 12.05 15.35 -5.84
C PHE A 173 12.11 15.02 -7.33
N ASP A 174 11.48 13.93 -7.74
CA ASP A 174 11.55 13.47 -9.13
C ASP A 174 10.77 14.26 -10.18
N GLN A 175 9.70 14.94 -9.79
CA GLN A 175 8.87 15.66 -10.75
C GLN A 175 8.96 17.17 -10.58
N VAL A 176 9.46 17.84 -11.62
CA VAL A 176 9.61 19.29 -11.64
C VAL A 176 8.53 19.95 -12.49
N LEU A 177 7.63 20.67 -11.83
CA LEU A 177 6.54 21.34 -12.51
C LEU A 177 7.01 22.66 -13.10
N VAL A 178 7.82 23.39 -12.34
CA VAL A 178 8.33 24.68 -12.77
C VAL A 178 9.85 24.76 -12.60
N ASN A 179 10.52 25.40 -13.56
CA ASN A 179 11.96 25.60 -13.51
C ASN A 179 12.42 26.75 -14.39
N ILE A 180 11.79 27.90 -14.21
CA ILE A 180 12.15 29.10 -14.95
C ILE A 180 13.55 29.59 -14.58
N GLY A 181 14.43 29.54 -15.56
CA GLY A 181 15.84 29.91 -15.41
C GLY A 181 16.71 28.68 -15.27
N ASN A 182 16.09 27.51 -15.12
CA ASN A 182 16.81 26.26 -14.96
C ASN A 182 17.87 26.35 -13.87
N ASN A 183 17.52 27.04 -12.79
CA ASN A 183 18.44 27.25 -11.68
C ASN A 183 18.32 26.15 -10.65
N PHE A 184 17.32 25.30 -10.82
CA PHE A 184 17.11 24.13 -9.99
C PHE A 184 17.67 22.88 -10.65
N ASP A 185 18.64 22.27 -10.00
CA ASP A 185 19.26 21.05 -10.51
C ASP A 185 18.42 19.88 -10.04
N SER A 186 17.58 19.37 -10.95
CA SER A 186 16.67 18.27 -10.64
C SER A 186 17.39 17.01 -10.20
N GLU A 187 18.56 16.74 -10.79
CA GLU A 187 19.34 15.56 -10.42
C GLU A 187 19.83 15.61 -8.98
N ARG A 188 20.26 16.80 -8.53
CA ARG A 188 20.77 16.96 -7.18
C ARG A 188 19.71 17.60 -6.26
N SER A 189 18.59 18.00 -6.84
CA SER A 189 17.51 18.64 -6.11
C SER A 189 17.98 19.85 -5.33
N THR A 190 18.83 20.65 -5.96
CA THR A 190 19.46 21.80 -5.32
C THR A 190 19.21 23.02 -6.19
N PHE A 191 18.91 24.14 -5.54
CA PHE A 191 18.69 25.41 -6.24
C PHE A 191 19.93 26.28 -6.14
N ILE A 192 20.44 26.69 -7.30
CA ILE A 192 21.61 27.56 -7.38
C ILE A 192 21.19 28.96 -7.77
N ALA A 193 21.35 29.89 -6.84
CA ALA A 193 20.96 31.28 -7.07
C ALA A 193 21.72 31.93 -8.22
N PRO A 194 20.99 32.39 -9.25
CA PRO A 194 21.65 33.01 -10.41
C PRO A 194 22.10 34.45 -10.16
N ARG A 195 21.62 35.08 -9.10
CA ARG A 195 21.94 36.48 -8.83
C ARG A 195 21.61 36.90 -7.39
N LYS A 196 22.17 38.03 -6.99
CA LYS A 196 21.90 38.57 -5.66
C LYS A 196 20.46 39.05 -5.53
N GLY A 197 19.79 38.61 -4.47
CA GLY A 197 18.41 39.03 -4.22
C GLY A 197 17.82 38.29 -3.03
N ILE A 198 16.59 38.63 -2.69
CA ILE A 198 15.85 37.94 -1.64
C ILE A 198 15.08 36.81 -2.31
N TYR A 199 15.20 35.61 -1.75
CA TYR A 199 14.54 34.44 -2.30
C TYR A 199 13.58 33.85 -1.28
N SER A 200 12.50 33.27 -1.78
CA SER A 200 11.51 32.63 -0.94
C SER A 200 11.55 31.13 -1.15
N PHE A 201 11.49 30.40 -0.05
CA PHE A 201 11.45 28.96 -0.08
C PHE A 201 10.36 28.42 0.81
N ASN A 202 9.68 27.41 0.30
CA ASN A 202 8.64 26.72 1.04
C ASN A 202 8.84 25.25 0.78
N PHE A 203 8.63 24.41 1.78
CA PHE A 203 8.75 22.98 1.58
C PHE A 203 7.74 22.25 2.46
N HIS A 204 7.31 21.11 1.95
CA HIS A 204 6.37 20.24 2.63
C HIS A 204 6.79 18.79 2.42
N VAL A 205 7.40 18.22 3.45
CA VAL A 205 7.92 16.85 3.43
C VAL A 205 7.01 15.90 4.20
N VAL A 206 6.39 14.98 3.46
CA VAL A 206 5.37 14.09 4.02
C VAL A 206 6.01 12.81 4.53
N LYS A 207 5.60 12.41 5.73
CA LYS A 207 6.12 11.25 6.41
C LYS A 207 5.04 10.17 6.50
N VAL A 208 5.10 9.26 5.53
CA VAL A 208 4.15 8.17 5.40
C VAL A 208 4.37 7.03 6.42
N TYR A 209 3.30 6.67 7.12
CA TYR A 209 3.30 5.61 8.13
C TYR A 209 4.62 5.30 8.82
N ASN A 210 5.35 6.35 9.20
CA ASN A 210 6.65 6.17 9.83
C ASN A 210 6.54 6.47 11.32
N ARG A 211 7.12 5.62 12.16
CA ARG A 211 7.14 5.85 13.60
C ARG A 211 8.22 6.86 13.97
N GLN A 212 9.36 6.76 13.32
CA GLN A 212 10.49 7.64 13.61
C GLN A 212 10.20 9.11 13.37
N THR A 213 10.71 9.94 14.27
CA THR A 213 10.58 11.38 14.12
C THR A 213 11.61 11.80 13.10
N ILE A 214 11.31 12.84 12.31
CA ILE A 214 12.25 13.29 11.30
C ILE A 214 12.50 14.78 11.50
N GLN A 215 13.70 15.21 11.10
CA GLN A 215 14.01 16.62 11.04
C GLN A 215 14.46 17.02 9.64
N VAL A 216 13.74 17.96 9.05
CA VAL A 216 14.04 18.45 7.71
C VAL A 216 14.52 19.87 7.89
N SER A 217 15.66 20.18 7.30
CA SER A 217 16.23 21.51 7.39
C SER A 217 16.46 22.06 6.00
N LEU A 218 16.21 23.35 5.83
CA LEU A 218 16.55 24.01 4.59
C LEU A 218 17.99 24.43 4.73
N MET A 219 18.83 23.99 3.79
CA MET A 219 20.26 24.27 3.85
C MET A 219 20.68 25.35 2.88
N LEU A 220 21.51 26.24 3.37
CA LEU A 220 22.12 27.27 2.54
C LEU A 220 23.63 27.12 2.61
N ASN A 221 24.20 26.48 1.59
CA ASN A 221 25.63 26.24 1.51
C ASN A 221 26.15 25.37 2.66
N GLY A 222 25.38 24.35 3.01
CA GLY A 222 25.78 23.42 4.06
C GLY A 222 25.41 23.86 5.46
N TRP A 223 24.79 25.03 5.58
CA TRP A 223 24.35 25.55 6.88
C TRP A 223 22.83 25.56 6.96
N PRO A 224 22.27 25.07 8.08
CA PRO A 224 20.81 25.03 8.21
C PRO A 224 20.25 26.41 8.53
N VAL A 225 19.17 26.80 7.85
CA VAL A 225 18.55 28.10 8.06
C VAL A 225 17.31 27.91 8.92
N ILE A 226 16.41 27.06 8.43
CA ILE A 226 15.17 26.74 9.11
C ILE A 226 15.03 25.24 9.14
N SER A 227 14.39 24.73 10.18
CA SER A 227 14.19 23.30 10.33
C SER A 227 12.74 23.02 10.65
N ALA A 228 12.30 21.80 10.41
CA ALA A 228 10.93 21.42 10.67
C ALA A 228 10.89 19.97 11.09
N PHE A 229 9.87 19.65 11.88
CA PHE A 229 9.76 18.35 12.51
C PHE A 229 8.41 17.75 12.23
N ALA A 230 8.40 16.43 12.06
CA ALA A 230 7.19 15.67 11.90
C ALA A 230 7.37 14.39 12.69
N GLY A 231 7.68 14.53 13.97
CA GLY A 231 7.76 13.40 14.86
C GLY A 231 6.55 13.16 15.73
N ASP A 232 5.48 12.68 15.10
CA ASP A 232 4.36 12.10 15.82
C ASP A 232 4.64 10.62 15.71
N GLN A 233 4.25 9.83 16.68
CA GLN A 233 4.62 8.41 16.71
C GLN A 233 3.52 7.45 16.29
N ASP A 234 2.28 7.94 16.21
CA ASP A 234 1.19 7.10 15.77
C ASP A 234 0.28 7.93 14.88
N VAL A 235 0.71 8.15 13.66
CA VAL A 235 -0.07 8.91 12.69
C VAL A 235 0.13 8.41 11.28
N THR A 236 -0.98 8.38 10.55
CA THR A 236 -1.01 7.97 9.16
C THR A 236 0.03 8.73 8.35
N ARG A 237 -0.31 9.96 7.98
CA ARG A 237 0.60 10.87 7.31
C ARG A 237 0.79 12.18 8.06
N GLU A 238 2.04 12.56 8.27
CA GLU A 238 2.39 13.79 8.95
C GLU A 238 3.39 14.52 8.07
N ALA A 239 3.38 15.85 8.14
CA ALA A 239 4.24 16.64 7.28
C ALA A 239 5.22 17.52 8.05
N ALA A 240 6.44 17.61 7.52
CA ALA A 240 7.43 18.55 8.02
C ALA A 240 7.38 19.76 7.10
N SER A 241 6.74 20.83 7.55
CA SER A 241 6.60 22.02 6.72
C SER A 241 7.19 23.24 7.38
N ASN A 242 7.73 24.12 6.56
CA ASN A 242 8.27 25.40 7.02
C ASN A 242 8.62 26.23 5.80
N GLY A 243 8.85 27.52 6.02
CA GLY A 243 9.17 28.43 4.94
C GLY A 243 9.95 29.61 5.46
N VAL A 244 10.67 30.29 4.57
CA VAL A 244 11.50 31.40 4.97
C VAL A 244 11.91 32.25 3.79
N LEU A 245 12.24 33.50 4.05
CA LEU A 245 12.82 34.39 3.06
C LEU A 245 14.28 34.59 3.42
N ILE A 246 15.18 34.35 2.47
CA ILE A 246 16.61 34.54 2.71
C ILE A 246 17.27 35.30 1.58
N GLN A 247 18.36 35.98 1.91
CA GLN A 247 19.20 36.65 0.92
C GLN A 247 20.24 35.66 0.41
N MET A 248 20.37 35.58 -0.91
CA MET A 248 21.35 34.71 -1.54
C MET A 248 22.25 35.46 -2.50
N GLU A 249 23.50 34.99 -2.60
CA GLU A 249 24.46 35.53 -3.56
C GLU A 249 24.48 34.58 -4.75
N LYS A 250 25.06 35.03 -5.85
CA LYS A 250 25.15 34.19 -7.04
C LYS A 250 25.96 32.93 -6.75
N GLY A 251 25.42 31.78 -7.13
CA GLY A 251 26.10 30.50 -6.95
C GLY A 251 25.84 29.86 -5.60
N ASP A 252 25.06 30.54 -4.76
CA ASP A 252 24.67 30.00 -3.46
C ASP A 252 23.77 28.78 -3.68
N ARG A 253 23.94 27.76 -2.84
CA ARG A 253 23.23 26.48 -3.01
C ARG A 253 22.18 26.28 -1.93
N ALA A 254 20.93 26.08 -2.36
CA ALA A 254 19.83 25.78 -1.45
C ALA A 254 19.27 24.39 -1.71
N TYR A 255 19.09 23.62 -0.65
CA TYR A 255 18.53 22.28 -0.76
C TYR A 255 17.95 21.83 0.58
N LEU A 256 17.19 20.74 0.55
CA LEU A 256 16.63 20.16 1.76
C LEU A 256 17.42 18.94 2.20
N LYS A 257 17.77 18.91 3.49
CA LYS A 257 18.51 17.82 4.10
C LYS A 257 17.73 17.17 5.23
N LEU A 258 17.78 15.85 5.26
CA LEU A 258 17.13 15.10 6.31
C LEU A 258 18.08 14.92 7.48
N GLU A 259 18.02 15.84 8.43
CA GLU A 259 18.91 15.83 9.58
C GLU A 259 18.65 14.65 10.50
N ARG A 260 17.40 14.22 10.58
CA ARG A 260 17.06 13.10 11.45
C ARG A 260 15.99 12.19 10.87
N GLY A 261 16.09 10.93 11.25
CA GLY A 261 15.16 9.89 10.84
C GLY A 261 15.38 9.47 9.40
N ASN A 262 14.41 8.73 8.88
CA ASN A 262 14.48 8.23 7.51
C ASN A 262 13.11 8.23 6.85
N LEU A 263 13.09 8.12 5.53
CA LEU A 263 11.87 8.09 4.75
C LEU A 263 11.64 6.68 4.20
N MET A 264 11.37 5.71 5.07
CA MET A 264 11.06 4.35 4.63
C MET A 264 9.77 4.29 3.82
N GLY A 265 8.69 4.79 4.39
CA GLY A 265 7.38 4.71 3.79
C GLY A 265 7.22 5.57 2.55
N GLY A 266 8.30 6.24 2.18
CA GLY A 266 8.32 7.10 1.02
C GLY A 266 7.76 8.44 1.45
N TRP A 267 7.83 9.42 0.56
CA TRP A 267 7.33 10.76 0.84
C TRP A 267 6.47 11.34 -0.27
N LYS A 268 5.62 10.52 -0.88
CA LYS A 268 4.71 11.01 -1.93
C LYS A 268 3.93 12.25 -1.51
N TYR A 269 3.83 13.19 -2.45
CA TYR A 269 3.11 14.46 -2.30
C TYR A 269 3.97 15.53 -1.64
N SER A 270 5.18 15.18 -1.26
CA SER A 270 6.11 16.17 -0.71
C SER A 270 6.41 17.21 -1.77
N THR A 271 6.53 18.46 -1.34
CA THR A 271 6.77 19.55 -2.27
C THR A 271 7.95 20.39 -1.84
N PHE A 272 8.61 20.99 -2.84
CA PHE A 272 9.72 21.90 -2.62
C PHE A 272 9.67 22.90 -3.76
N SER A 273 9.40 24.14 -3.41
CA SER A 273 9.34 25.22 -4.39
C SER A 273 10.01 26.47 -3.83
N GLY A 274 10.23 27.44 -4.70
CA GLY A 274 10.89 28.67 -4.31
C GLY A 274 10.98 29.62 -5.49
N PHE A 275 11.16 30.90 -5.20
CA PHE A 275 11.27 31.91 -6.23
C PHE A 275 12.00 33.16 -5.77
N LEU A 276 12.39 34.01 -6.72
CA LEU A 276 13.01 35.28 -6.42
C LEU A 276 11.96 36.34 -6.17
N VAL A 277 11.93 36.89 -4.96
CA VAL A 277 10.98 37.93 -4.61
C VAL A 277 11.35 39.21 -5.33
N PHE A 278 12.64 39.57 -5.24
CA PHE A 278 13.18 40.72 -5.95
C PHE A 278 14.70 40.64 -5.89
N PRO A 279 15.39 41.19 -6.90
CA PRO A 279 16.86 41.21 -6.87
C PRO A 279 17.38 42.38 -6.05
N LEU A 280 18.67 42.34 -5.70
CA LEU A 280 19.30 43.43 -4.96
C LEU A 280 20.50 43.97 -5.73
N GLY A 281 20.69 45.28 -5.67
CA GLY A 281 21.74 45.94 -6.41
C GLY A 281 21.21 46.49 -7.72
N SER A 282 20.30 45.76 -8.34
CA SER A 282 19.68 46.17 -9.59
C SER A 282 18.44 47.03 -9.33
N SER A 286 16.71 50.85 -5.82
CA SER A 286 16.28 50.88 -7.22
C SER A 286 14.76 50.75 -7.33
N GLY A 287 14.11 50.38 -6.23
CA GLY A 287 12.67 50.22 -6.22
C GLY A 287 12.08 50.19 -4.83
N SER A 288 11.15 51.11 -4.58
CA SER A 288 10.44 51.18 -3.29
C SER A 288 9.41 50.08 -3.15
N ALA A 289 9.41 49.15 -4.10
CA ALA A 289 8.52 48.00 -4.14
C ALA A 289 9.25 46.76 -3.66
N LYS A 290 10.37 46.99 -2.96
CA LYS A 290 11.16 45.90 -2.41
C LYS A 290 11.03 45.91 -0.89
N VAL A 291 10.12 45.07 -0.40
CA VAL A 291 9.81 45.00 1.02
C VAL A 291 9.65 43.54 1.43
N ALA A 292 10.44 43.10 2.39
CA ALA A 292 10.38 41.72 2.84
C ALA A 292 11.03 41.58 4.20
N PHE A 293 10.51 40.66 5.02
CA PHE A 293 11.13 40.37 6.30
C PHE A 293 11.02 38.89 6.61
N SER A 294 11.89 38.41 7.48
CA SER A 294 11.91 37.00 7.86
C SER A 294 12.59 36.87 9.21
N ALA A 295 11.90 36.25 10.16
CA ALA A 295 12.44 36.09 11.52
C ALA A 295 12.18 34.70 12.06
N ILE A 296 13.15 34.19 12.82
CA ILE A 296 13.06 32.86 13.41
C ILE A 296 13.41 32.89 14.89
N ARG A 297 12.94 31.89 15.62
CA ARG A 297 13.34 31.67 17.01
C ARG A 297 14.49 30.67 17.07
N SER A 298 15.68 31.17 17.37
CA SER A 298 16.88 30.35 17.40
C SER A 298 17.20 29.70 18.74
N THR A 299 16.32 29.85 19.74
CA THR A 299 16.65 29.38 21.08
C THR A 299 15.48 28.70 21.78
N ASN A 300 15.82 27.81 22.70
CA ASN A 300 14.87 27.08 23.54
C ASN A 300 14.38 27.87 24.75
N HIS A 301 15.00 29.02 24.99
CA HIS A 301 14.69 29.83 26.17
C HIS A 301 13.21 30.13 26.36
N GLU A 302 12.79 30.15 27.63
CA GLU A 302 11.41 30.39 28.02
C GLU A 302 11.01 31.82 27.63
N PRO A 303 9.69 32.06 27.51
CA PRO A 303 9.24 33.43 27.17
C PRO A 303 9.52 34.49 28.23
N SER A 304 9.70 35.71 27.76
CA SER A 304 9.97 36.88 28.60
C SER A 304 8.74 37.43 29.30
N GLU A 305 8.29 36.74 30.36
CA GLU A 305 7.17 37.24 31.17
C GLU A 305 5.94 37.48 30.30
N MET A 306 5.77 36.64 29.29
CA MET A 306 4.64 36.73 28.39
C MET A 306 3.31 36.57 29.14
N THR A 310 -1.26 34.80 25.73
CA THR A 310 -1.74 36.05 26.32
C THR A 310 -1.11 37.27 25.65
N MET A 311 0.07 37.08 25.05
CA MET A 311 0.81 38.19 24.46
C MET A 311 1.35 37.92 23.05
N ILE A 312 2.20 38.84 22.61
CA ILE A 312 2.85 38.81 21.30
C ILE A 312 4.06 37.89 21.18
N ILE A 313 4.01 36.98 20.21
CA ILE A 313 5.08 36.01 19.98
C ILE A 313 6.33 36.70 19.43
N TYR A 314 7.42 36.59 20.19
CA TYR A 314 8.70 37.21 19.85
C TYR A 314 9.67 36.34 19.04
N PHE A 315 10.37 36.98 18.10
CA PHE A 315 11.36 36.32 17.25
C PHE A 315 12.69 37.05 17.35
N ASP A 316 13.66 36.44 18.02
CA ASP A 316 14.96 37.05 18.26
C ASP A 316 15.91 37.17 17.07
N GLN A 317 15.80 36.30 16.08
CA GLN A 317 16.70 36.32 14.94
C GLN A 317 16.01 36.73 13.64
N VAL A 318 16.46 37.85 13.07
CA VAL A 318 15.94 38.38 11.82
C VAL A 318 16.89 38.12 10.66
N LEU A 319 16.48 37.25 9.74
CA LEU A 319 17.31 36.90 8.59
C LEU A 319 17.20 37.95 7.49
N VAL A 320 15.98 38.42 7.25
CA VAL A 320 15.73 39.40 6.21
C VAL A 320 14.92 40.57 6.79
N ASN A 321 15.23 41.77 6.34
CA ASN A 321 14.52 42.96 6.78
C ASN A 321 14.69 44.10 5.78
N ILE A 322 14.38 43.80 4.52
CA ILE A 322 14.43 44.79 3.46
C ILE A 322 13.37 45.87 3.65
N GLY A 323 13.84 47.10 3.88
CA GLY A 323 12.98 48.23 4.15
C GLY A 323 12.91 48.57 5.62
N ASN A 324 13.48 47.71 6.45
CA ASN A 324 13.48 47.89 7.90
C ASN A 324 12.08 48.15 8.46
N ASN A 325 11.09 47.47 7.90
CA ASN A 325 9.70 47.66 8.29
C ASN A 325 9.26 46.71 9.39
N PHE A 326 10.11 45.75 9.71
CA PHE A 326 9.87 44.82 10.79
C PHE A 326 10.59 45.26 12.06
N ASP A 327 9.84 45.54 13.11
CA ASP A 327 10.42 45.96 14.38
C ASP A 327 10.77 44.69 15.15
N SER A 328 12.05 44.34 15.12
CA SER A 328 12.52 43.13 15.77
C SER A 328 12.31 43.11 17.28
N GLU A 329 12.43 44.26 17.91
CA GLU A 329 12.21 44.36 19.35
C GLU A 329 10.76 44.09 19.74
N ARG A 330 9.83 44.55 18.92
CA ARG A 330 8.40 44.38 19.17
C ARG A 330 7.80 43.27 18.32
N SER A 331 8.60 42.71 17.42
CA SER A 331 8.16 41.65 16.52
C SER A 331 6.90 42.03 15.73
N THR A 332 6.87 43.26 15.24
CA THR A 332 5.69 43.79 14.57
C THR A 332 6.12 44.34 13.22
N PHE A 333 5.32 44.06 12.19
CA PHE A 333 5.56 44.57 10.85
C PHE A 333 4.65 45.76 10.56
N ILE A 334 5.26 46.90 10.22
CA ILE A 334 4.51 48.10 9.89
C ILE A 334 4.58 48.33 8.39
N ALA A 335 3.44 48.20 7.72
CA ALA A 335 3.38 48.38 6.28
C ALA A 335 3.78 49.79 5.87
N PRO A 336 4.83 49.93 5.04
CA PRO A 336 5.32 51.25 4.62
C PRO A 336 4.46 51.91 3.56
N ARG A 337 3.57 51.15 2.92
CA ARG A 337 2.76 51.69 1.83
C ARG A 337 1.57 50.79 1.51
N LYS A 338 0.62 51.35 0.77
CA LYS A 338 -0.55 50.61 0.34
C LYS A 338 -0.15 49.54 -0.67
N GLY A 339 -0.60 48.31 -0.43
CA GLY A 339 -0.32 47.22 -1.33
C GLY A 339 -0.83 45.89 -0.79
N ILE A 340 -0.65 44.84 -1.57
CA ILE A 340 -0.99 43.50 -1.13
C ILE A 340 0.24 42.89 -0.48
N TYR A 341 0.06 42.32 0.70
CA TYR A 341 1.15 41.73 1.45
C TYR A 341 0.90 40.27 1.70
N SER A 342 1.98 39.50 1.75
CA SER A 342 1.90 38.08 2.02
C SER A 342 2.52 37.79 3.37
N PHE A 343 1.85 36.94 4.14
CA PHE A 343 2.34 36.50 5.43
C PHE A 343 2.24 35.00 5.58
N ASN A 344 3.29 34.44 6.14
CA ASN A 344 3.36 33.03 6.45
C ASN A 344 3.98 32.93 7.82
N PHE A 345 3.52 32.00 8.64
CA PHE A 345 4.11 31.80 9.94
C PHE A 345 4.07 30.33 10.31
N HIS A 346 5.07 29.92 11.08
N HIS A 346 5.06 29.92 11.09
CA HIS A 346 5.15 28.56 11.58
CA HIS A 346 5.16 28.56 11.58
C HIS A 346 5.64 28.62 13.02
C HIS A 346 5.64 28.62 13.02
N VAL A 347 4.72 28.38 13.95
CA VAL A 347 5.00 28.45 15.38
C VAL A 347 5.13 27.08 16.03
N VAL A 348 6.32 26.71 16.47
CA VAL A 348 6.53 25.36 16.99
C VAL A 348 6.28 25.37 18.48
N LYS A 349 5.40 24.47 18.92
CA LYS A 349 5.00 24.35 20.30
C LYS A 349 5.34 22.98 20.88
N VAL A 350 6.42 22.90 21.64
CA VAL A 350 6.82 21.63 22.22
C VAL A 350 5.80 21.25 23.29
N TYR A 351 5.29 20.02 23.17
CA TYR A 351 4.23 19.48 24.03
C TYR A 351 4.30 19.88 25.51
N ASN A 352 3.68 21.01 25.83
CA ASN A 352 3.68 21.53 27.19
C ASN A 352 2.36 21.17 27.87
N ARG A 353 1.72 20.12 27.37
CA ARG A 353 0.50 19.60 27.95
C ARG A 353 -0.60 20.65 27.89
N GLN A 354 -0.71 21.29 26.74
CA GLN A 354 -1.68 22.36 26.54
C GLN A 354 -1.77 22.74 25.08
N THR A 355 -2.99 22.95 24.60
CA THR A 355 -3.21 23.36 23.22
C THR A 355 -2.99 24.86 23.07
N ILE A 356 -2.56 25.29 21.88
CA ILE A 356 -2.29 26.70 21.65
C ILE A 356 -3.06 27.19 20.44
N GLN A 357 -3.39 28.47 20.44
CA GLN A 357 -3.94 29.13 19.26
C GLN A 357 -3.10 30.34 18.86
N VAL A 358 -2.61 30.34 17.63
CA VAL A 358 -1.80 31.45 17.15
C VAL A 358 -2.59 32.14 16.05
N SER A 359 -2.70 33.46 16.17
CA SER A 359 -3.44 34.26 15.19
C SER A 359 -2.56 35.37 14.63
N LEU A 360 -2.72 35.65 13.34
CA LEU A 360 -2.06 36.78 12.73
C LEU A 360 -2.97 37.97 12.95
N MET A 361 -2.43 39.02 13.56
CA MET A 361 -3.19 40.20 13.90
C MET A 361 -2.91 41.37 12.99
N LEU A 362 -3.97 42.04 12.56
CA LEU A 362 -3.88 43.26 11.77
C LEU A 362 -4.57 44.39 12.55
N ASN A 363 -3.76 45.19 13.22
CA ASN A 363 -4.24 46.30 14.05
C ASN A 363 -5.11 45.79 15.20
N GLY A 364 -4.69 44.69 15.80
CA GLY A 364 -5.39 44.13 16.94
C GLY A 364 -6.54 43.21 16.59
N TRP A 365 -6.79 43.03 15.31
CA TRP A 365 -7.87 42.15 14.86
C TRP A 365 -7.28 40.92 14.18
N PRO A 366 -7.78 39.73 14.53
CA PRO A 366 -7.24 38.50 13.94
C PRO A 366 -7.72 38.27 12.52
N VAL A 367 -6.81 37.90 11.62
CA VAL A 367 -7.14 37.67 10.22
C VAL A 367 -7.23 36.17 9.98
N ILE A 368 -6.15 35.47 10.32
CA ILE A 368 -6.08 34.02 10.16
C ILE A 368 -5.55 33.43 11.45
N SER A 369 -6.00 32.21 11.77
CA SER A 369 -5.57 31.55 13.00
C SER A 369 -5.11 30.13 12.73
N ALA A 370 -4.34 29.59 13.66
CA ALA A 370 -3.81 28.24 13.54
C ALA A 370 -3.67 27.61 14.91
N PHE A 371 -3.78 26.28 14.95
CA PHE A 371 -3.83 25.54 16.21
C PHE A 371 -2.79 24.44 16.25
N ALA A 372 -2.23 24.22 17.44
CA ALA A 372 -1.30 23.13 17.67
C ALA A 372 -1.58 22.52 19.04
N GLY A 373 -0.61 21.81 19.59
CA GLY A 373 -0.65 21.38 20.98
C GLY A 373 -1.67 20.32 21.31
N ASP A 374 -2.28 19.71 20.29
CA ASP A 374 -3.09 18.52 20.49
C ASP A 374 -2.19 17.33 20.17
N GLN A 375 -2.51 16.17 20.74
CA GLN A 375 -1.73 14.94 20.61
C GLN A 375 -0.50 15.03 21.51
N ASP A 376 0.32 13.98 21.51
CA ASP A 376 1.53 13.93 22.33
C ASP A 376 2.78 14.07 21.48
N VAL A 377 2.61 14.59 20.28
CA VAL A 377 3.72 14.84 19.37
C VAL A 377 4.77 15.73 20.04
N THR A 378 6.04 15.39 19.85
CA THR A 378 7.13 16.14 20.46
C THR A 378 7.15 17.61 20.03
N ARG A 379 7.32 17.84 18.73
CA ARG A 379 7.27 19.19 18.18
C ARG A 379 6.17 19.30 17.14
N GLU A 380 5.26 20.24 17.34
CA GLU A 380 4.15 20.47 16.43
C GLU A 380 4.06 21.94 16.14
N ALA A 381 3.57 22.27 14.95
CA ALA A 381 3.51 23.66 14.53
C ALA A 381 2.10 24.16 14.25
N ALA A 382 1.85 25.40 14.64
CA ALA A 382 0.64 26.10 14.29
C ALA A 382 1.01 26.96 13.10
N SER A 383 0.60 26.53 11.92
CA SER A 383 0.95 27.22 10.69
C SER A 383 -0.26 27.66 9.88
N ASN A 384 -0.09 28.78 9.21
CA ASN A 384 -1.10 29.31 8.32
C ASN A 384 -0.50 30.48 7.57
N GLY A 385 -1.17 30.89 6.50
CA GLY A 385 -0.67 31.97 5.67
C GLY A 385 -1.82 32.64 4.96
N VAL A 386 -1.60 33.86 4.52
CA VAL A 386 -2.64 34.63 3.87
C VAL A 386 -2.08 35.82 3.12
N LEU A 387 -2.84 36.29 2.15
CA LEU A 387 -2.54 37.52 1.45
C LEU A 387 -3.55 38.55 1.93
N ILE A 388 -3.06 39.70 2.39
CA ILE A 388 -3.93 40.76 2.84
C ILE A 388 -3.52 42.11 2.27
N GLN A 389 -4.49 43.00 2.17
CA GLN A 389 -4.23 44.37 1.77
C GLN A 389 -3.96 45.17 3.03
N MET A 390 -2.88 45.94 3.00
CA MET A 390 -2.51 46.79 4.12
C MET A 390 -2.35 48.22 3.67
N GLU A 391 -2.68 49.14 4.57
CA GLU A 391 -2.50 50.56 4.33
C GLU A 391 -1.22 50.97 5.03
N LYS A 392 -0.71 52.16 4.72
CA LYS A 392 0.51 52.64 5.36
C LYS A 392 0.31 52.76 6.86
N GLY A 393 1.26 52.20 7.61
CA GLY A 393 1.23 52.25 9.06
C GLY A 393 0.41 51.14 9.70
N ASP A 394 -0.19 50.29 8.87
CA ASP A 394 -0.93 49.14 9.40
C ASP A 394 0.07 48.20 10.05
N ARG A 395 -0.30 47.62 11.18
CA ARG A 395 0.61 46.79 11.95
C ARG A 395 0.17 45.33 11.91
N ALA A 396 1.08 44.47 11.48
CA ALA A 396 0.83 43.04 11.47
C ALA A 396 1.76 42.33 12.43
N TYR A 397 1.19 41.44 13.24
CA TYR A 397 1.96 40.67 14.21
C TYR A 397 1.23 39.41 14.65
N LEU A 398 1.96 38.53 15.33
CA LEU A 398 1.39 37.29 15.88
C LEU A 398 1.12 37.40 17.36
N LYS A 399 -0.09 37.00 17.74
CA LYS A 399 -0.53 37.00 19.13
C LYS A 399 -0.89 35.60 19.56
N LEU A 400 -0.49 35.23 20.77
CA LEU A 400 -0.83 33.93 21.31
C LEU A 400 -2.17 34.06 22.01
N GLU A 401 -3.22 33.81 21.25
CA GLU A 401 -4.60 33.97 21.72
C GLU A 401 -4.99 32.96 22.80
N ARG A 402 -4.41 31.77 22.72
CA ARG A 402 -4.71 30.71 23.68
C ARG A 402 -3.49 29.88 24.00
N GLY A 403 -3.46 29.35 25.22
CA GLY A 403 -2.37 28.51 25.66
C GLY A 403 -1.11 29.28 26.00
N ASN A 404 -0.01 28.54 26.12
CA ASN A 404 1.28 29.08 26.49
C ASN A 404 2.40 28.39 25.73
N LEU A 405 3.59 29.00 25.71
CA LEU A 405 4.75 28.44 25.02
C LEU A 405 5.84 27.88 25.92
N MET A 406 5.48 27.11 26.95
CA MET A 406 6.49 26.44 27.77
C MET A 406 7.30 25.42 26.99
N GLY A 407 8.61 25.45 27.20
CA GLY A 407 9.54 24.63 26.47
C GLY A 407 10.18 25.39 25.34
N GLY A 408 9.80 26.66 25.22
CA GLY A 408 10.35 27.52 24.19
C GLY A 408 9.62 27.24 22.90
N TRP A 409 9.90 28.03 21.88
CA TRP A 409 9.29 27.85 20.56
C TRP A 409 10.34 27.89 19.46
N LYS A 410 11.48 27.28 19.77
CA LYS A 410 12.60 27.14 18.83
C LYS A 410 12.12 26.58 17.50
N TYR A 411 12.65 27.15 16.41
CA TYR A 411 12.37 26.75 15.03
C TYR A 411 11.13 27.46 14.50
N SER A 412 10.48 28.23 15.35
CA SER A 412 9.33 29.01 14.91
C SER A 412 9.76 30.04 13.87
N THR A 413 8.93 30.25 12.85
CA THR A 413 9.28 31.20 11.78
C THR A 413 8.15 32.19 11.55
N PHE A 414 8.53 33.38 11.09
CA PHE A 414 7.58 34.42 10.73
C PHE A 414 8.17 35.28 9.63
N SER A 415 7.56 35.21 8.46
CA SER A 415 8.02 35.98 7.31
C SER A 415 6.86 36.58 6.54
N GLY A 416 7.19 37.49 5.64
CA GLY A 416 6.21 38.18 4.85
C GLY A 416 6.88 39.13 3.88
N PHE A 417 6.16 39.50 2.83
CA PHE A 417 6.69 40.41 1.83
C PHE A 417 5.59 41.11 1.06
N LEU A 418 5.97 42.16 0.34
CA LEU A 418 5.05 42.89 -0.50
C LEU A 418 4.96 42.23 -1.87
N VAL A 419 3.77 41.75 -2.22
CA VAL A 419 3.57 41.12 -3.52
C VAL A 419 3.62 42.22 -4.57
N PHE A 420 2.89 43.30 -4.31
CA PHE A 420 2.93 44.49 -5.16
C PHE A 420 2.25 45.65 -4.44
N PRO A 421 2.66 46.89 -4.73
CA PRO A 421 2.01 48.05 -4.14
C PRO A 421 0.74 48.43 -4.90
N LEU A 422 -0.11 49.26 -4.29
CA LEU A 422 -1.33 49.74 -4.94
C LEU A 422 -1.37 51.27 -4.99
N SER A 454 -2.03 5.46 -11.97
CA SER A 454 -1.49 6.17 -10.82
C SER A 454 -0.42 5.38 -10.11
N ASP A 455 -0.47 5.37 -8.78
CA ASP A 455 0.49 4.64 -7.96
C ASP A 455 0.02 4.60 -6.51
N SER A 456 -0.34 3.42 -6.03
CA SER A 456 -0.87 3.25 -4.69
C SER A 456 0.19 2.79 -3.70
N ILE A 457 -0.12 2.89 -2.42
CA ILE A 457 0.80 2.47 -1.36
C ILE A 457 0.88 0.95 -1.27
N ILE A 458 -0.22 0.29 -1.60
CA ILE A 458 -0.30 -1.17 -1.53
C ILE A 458 -0.51 -1.80 -2.89
N HIS A 459 0.56 -2.37 -3.43
CA HIS A 459 0.51 -2.98 -4.74
C HIS A 459 1.15 -4.36 -4.66
N ILE A 460 0.45 -5.35 -5.20
CA ILE A 460 0.93 -6.72 -5.26
C ILE A 460 0.86 -7.22 -6.70
N GLY A 461 1.69 -8.20 -7.04
CA GLY A 461 1.70 -8.76 -8.37
C GLY A 461 1.20 -10.18 -8.29
N ALA A 462 0.67 -10.69 -9.40
CA ALA A 462 0.22 -12.06 -9.45
C ALA A 462 0.55 -12.70 -10.80
N ILE A 463 1.05 -13.93 -10.74
CA ILE A 463 1.31 -14.74 -11.93
C ILE A 463 0.45 -16.00 -11.89
N PHE A 464 -0.33 -16.21 -12.94
CA PHE A 464 -1.26 -17.33 -12.99
C PHE A 464 -1.02 -18.16 -14.25
N ASP A 465 -1.14 -19.47 -14.15
CA ASP A 465 -1.14 -20.30 -15.34
C ASP A 465 -2.34 -19.89 -16.19
N GLU A 466 -2.24 -20.04 -17.50
CA GLU A 466 -3.38 -19.86 -18.40
C GLU A 466 -4.60 -20.72 -18.04
N SER A 467 -4.38 -21.80 -17.30
CA SER A 467 -5.48 -22.69 -16.88
C SER A 467 -6.16 -22.22 -15.59
N ALA A 468 -5.65 -21.15 -15.01
CA ALA A 468 -6.00 -20.75 -13.65
C ALA A 468 -7.02 -19.61 -13.63
N LYS A 469 -7.94 -19.63 -14.58
CA LYS A 469 -8.99 -18.62 -14.65
C LYS A 469 -9.75 -18.45 -13.33
N LYS A 470 -9.99 -19.55 -12.63
CA LYS A 470 -10.72 -19.48 -11.36
C LYS A 470 -9.88 -18.87 -10.24
N ASP A 471 -8.57 -19.11 -10.27
CA ASP A 471 -7.66 -18.47 -9.33
C ASP A 471 -7.74 -16.96 -9.49
N ASP A 472 -7.74 -16.50 -10.74
CA ASP A 472 -7.83 -15.07 -11.04
C ASP A 472 -9.14 -14.45 -10.56
N GLU A 473 -10.25 -15.14 -10.78
CA GLU A 473 -11.55 -14.63 -10.35
C GLU A 473 -11.59 -14.49 -8.84
N VAL A 474 -11.13 -15.54 -8.15
CA VAL A 474 -11.15 -15.56 -6.70
C VAL A 474 -10.15 -14.58 -6.11
N PHE A 475 -8.99 -14.44 -6.75
CA PHE A 475 -8.01 -13.45 -6.32
C PHE A 475 -8.64 -12.07 -6.30
N ARG A 476 -9.33 -11.73 -7.39
CA ARG A 476 -9.95 -10.43 -7.55
C ARG A 476 -11.10 -10.24 -6.58
N THR A 477 -11.83 -11.32 -6.33
CA THR A 477 -12.92 -11.31 -5.35
C THR A 477 -12.38 -11.03 -3.95
N ALA A 478 -11.23 -11.60 -3.64
CA ALA A 478 -10.64 -11.44 -2.32
C ALA A 478 -10.24 -9.98 -2.12
N VAL A 479 -9.59 -9.41 -3.12
CA VAL A 479 -9.17 -8.02 -3.08
C VAL A 479 -10.41 -7.15 -2.91
N GLY A 480 -11.45 -7.46 -3.68
CA GLY A 480 -12.70 -6.74 -3.60
C GLY A 480 -13.31 -6.79 -2.22
N ASP A 481 -13.33 -7.98 -1.62
CA ASP A 481 -13.92 -8.18 -0.30
C ASP A 481 -13.18 -7.39 0.76
N LEU A 482 -11.85 -7.40 0.68
CA LEU A 482 -11.02 -6.73 1.66
C LEU A 482 -11.17 -5.22 1.56
N ASN A 483 -11.35 -4.73 0.34
CA ASN A 483 -11.51 -3.30 0.11
C ASN A 483 -12.84 -2.77 0.65
N GLN A 484 -13.81 -3.66 0.84
CA GLN A 484 -15.09 -3.30 1.46
C GLN A 484 -15.00 -3.38 2.97
N ASN A 485 -13.94 -3.99 3.48
CA ASN A 485 -13.82 -4.26 4.91
C ASN A 485 -13.19 -3.04 5.56
N GLU A 486 -13.98 -2.34 6.37
CA GLU A 486 -13.54 -1.10 6.98
C GLU A 486 -12.62 -1.33 8.17
N GLU A 487 -12.50 -2.58 8.61
CA GLU A 487 -11.64 -2.88 9.76
C GLU A 487 -10.22 -3.26 9.35
N ILE A 488 -10.03 -3.62 8.08
CA ILE A 488 -8.70 -3.97 7.58
C ILE A 488 -8.31 -2.97 6.49
N LEU A 489 -7.14 -2.38 6.66
CA LEU A 489 -6.59 -1.40 5.73
C LEU A 489 -7.63 -0.30 5.60
N GLN A 490 -7.88 0.37 6.71
CA GLN A 490 -9.04 1.25 6.85
C GLN A 490 -8.98 2.48 5.95
N THR A 491 -7.77 2.89 5.58
CA THR A 491 -7.59 4.08 4.74
C THR A 491 -6.76 3.80 3.49
N GLU A 492 -6.65 2.54 3.10
CA GLU A 492 -5.82 2.19 1.95
C GLU A 492 -6.48 1.08 1.15
N LYS A 493 -6.54 1.28 -0.15
CA LYS A 493 -7.10 0.29 -1.06
C LYS A 493 -5.99 -0.58 -1.60
N ILE A 494 -6.28 -1.86 -1.80
CA ILE A 494 -5.31 -2.76 -2.40
C ILE A 494 -5.48 -2.66 -3.90
N THR A 495 -4.37 -2.49 -4.59
CA THR A 495 -4.32 -2.61 -6.03
C THR A 495 -3.41 -3.75 -6.39
N PHE A 496 -3.48 -4.18 -7.65
CA PHE A 496 -2.76 -5.36 -8.05
C PHE A 496 -2.49 -5.34 -9.55
N SER A 497 -1.56 -6.19 -9.97
CA SER A 497 -1.35 -6.47 -11.37
C SER A 497 -1.31 -7.97 -11.54
N VAL A 498 -1.98 -8.46 -12.58
CA VAL A 498 -2.08 -9.88 -12.83
C VAL A 498 -1.50 -10.13 -14.22
N THR A 499 -0.73 -11.20 -14.34
CA THR A 499 -0.30 -11.66 -15.64
C THR A 499 -0.54 -13.15 -15.76
N PHE A 500 -1.10 -13.57 -16.88
CA PHE A 500 -1.19 -14.98 -17.20
C PHE A 500 0.01 -15.41 -18.02
N VAL A 501 0.52 -16.59 -17.72
CA VAL A 501 1.66 -17.12 -18.44
C VAL A 501 1.43 -18.59 -18.78
N ASP A 502 2.15 -19.08 -19.78
CA ASP A 502 2.26 -20.51 -20.02
C ASP A 502 3.11 -21.10 -18.90
N GLY A 503 2.48 -21.82 -17.97
CA GLY A 503 3.21 -22.34 -16.84
C GLY A 503 4.26 -23.38 -17.19
N ASN A 504 4.22 -23.87 -18.43
CA ASN A 504 5.32 -24.68 -18.95
C ASN A 504 6.42 -23.83 -19.56
N ASN A 505 6.30 -22.50 -19.44
CA ASN A 505 7.32 -21.58 -19.94
C ASN A 505 7.95 -20.78 -18.80
N PRO A 506 9.04 -21.30 -18.21
CA PRO A 506 9.56 -20.61 -17.03
C PRO A 506 10.21 -19.26 -17.33
N PHE A 507 10.74 -19.08 -18.53
CA PHE A 507 11.27 -17.78 -18.92
C PHE A 507 10.19 -16.70 -18.99
N GLN A 508 9.05 -17.04 -19.59
CA GLN A 508 7.92 -16.12 -19.62
C GLN A 508 7.45 -15.76 -18.22
N ALA A 509 7.43 -16.74 -17.32
CA ALA A 509 7.11 -16.48 -15.92
C ALA A 509 8.09 -15.46 -15.35
N VAL A 510 9.37 -15.70 -15.57
CA VAL A 510 10.41 -14.82 -15.05
C VAL A 510 10.29 -13.45 -15.70
N GLN A 511 10.14 -13.45 -17.01
CA GLN A 511 9.97 -12.22 -17.79
C GLN A 511 8.84 -11.36 -17.23
N GLU A 512 7.67 -11.95 -17.05
CA GLU A 512 6.48 -11.22 -16.61
C GLU A 512 6.57 -10.82 -15.15
N ALA A 513 7.16 -11.68 -14.33
CA ALA A 513 7.45 -11.37 -12.94
C ALA A 513 8.40 -10.18 -12.82
N CYS A 514 9.41 -10.13 -13.66
CA CYS A 514 10.35 -9.02 -13.67
C CYS A 514 9.65 -7.70 -14.00
N GLU A 515 8.75 -7.74 -14.98
CA GLU A 515 7.97 -6.56 -15.34
C GLU A 515 7.15 -6.03 -14.17
N LEU A 516 6.58 -6.93 -13.37
CA LEU A 516 5.82 -6.53 -12.20
C LEU A 516 6.72 -5.86 -11.17
N MET A 517 7.90 -6.42 -10.96
CA MET A 517 8.84 -5.87 -10.01
C MET A 517 9.34 -4.50 -10.43
N ASN A 518 9.41 -4.26 -11.75
CA ASN A 518 9.79 -2.95 -12.25
C ASN A 518 8.72 -1.91 -11.96
N GLN A 519 7.46 -2.32 -12.04
CA GLN A 519 6.36 -1.44 -11.65
C GLN A 519 6.47 -1.12 -10.18
N GLY A 520 6.78 -2.16 -9.40
CA GLY A 520 6.99 -2.02 -7.97
C GLY A 520 5.88 -2.75 -7.24
N ILE A 521 6.25 -3.82 -6.52
CA ILE A 521 5.28 -4.59 -5.76
C ILE A 521 5.82 -4.88 -4.37
N LEU A 522 4.91 -5.15 -3.45
CA LEU A 522 5.25 -5.51 -2.08
C LEU A 522 5.38 -7.01 -1.91
N ALA A 523 4.77 -7.75 -2.82
CA ALA A 523 4.76 -9.20 -2.75
C ALA A 523 4.33 -9.76 -4.08
N LEU A 524 4.71 -11.00 -4.34
CA LEU A 524 4.30 -11.70 -5.54
C LEU A 524 3.52 -12.96 -5.18
N VAL A 525 2.29 -13.04 -5.68
CA VAL A 525 1.49 -14.24 -5.50
C VAL A 525 1.59 -15.03 -6.79
N SER A 526 1.82 -16.33 -6.68
CA SER A 526 1.82 -17.18 -7.85
C SER A 526 0.91 -18.37 -7.66
N SER A 527 0.30 -18.80 -8.75
CA SER A 527 -0.50 -20.02 -8.77
C SER A 527 -0.11 -20.73 -10.04
N ILE A 528 0.78 -21.70 -9.91
CA ILE A 528 1.48 -22.25 -11.05
C ILE A 528 1.98 -23.64 -10.67
N GLY A 529 2.36 -24.43 -11.67
CA GLY A 529 2.99 -25.71 -11.40
C GLY A 529 4.46 -25.62 -11.05
N CYS A 530 5.06 -26.78 -10.82
CA CYS A 530 6.45 -26.87 -10.36
C CYS A 530 7.43 -26.43 -11.44
N THR A 531 7.02 -26.57 -12.70
CA THR A 531 7.89 -26.28 -13.83
C THR A 531 8.43 -24.85 -13.76
N SER A 532 7.61 -23.90 -13.33
CA SER A 532 8.00 -22.51 -13.28
C SER A 532 8.22 -22.00 -11.86
N ALA A 533 7.94 -22.85 -10.88
CA ALA A 533 8.00 -22.45 -9.48
C ALA A 533 9.42 -22.08 -9.09
N GLY A 534 10.36 -22.90 -9.53
CA GLY A 534 11.76 -22.76 -9.16
C GLY A 534 12.36 -21.49 -9.71
N SER A 535 11.99 -21.16 -10.95
CA SER A 535 12.44 -19.93 -11.56
C SER A 535 11.96 -18.72 -10.78
N LEU A 536 10.68 -18.73 -10.44
CA LEU A 536 10.07 -17.68 -9.62
C LEU A 536 10.64 -17.63 -8.20
N GLN A 537 10.83 -18.79 -7.58
CA GLN A 537 11.45 -18.85 -6.26
C GLN A 537 12.83 -18.24 -6.27
N SER A 538 13.63 -18.59 -7.27
CA SER A 538 15.00 -18.14 -7.35
C SER A 538 15.08 -16.66 -7.68
N LEU A 539 14.12 -16.19 -8.47
CA LEU A 539 13.98 -14.76 -8.74
C LEU A 539 13.62 -14.00 -7.48
N ALA A 540 12.62 -14.50 -6.76
CA ALA A 540 12.17 -13.86 -5.53
C ALA A 540 13.31 -13.70 -4.55
N ASP A 541 14.11 -14.74 -4.39
CA ASP A 541 15.24 -14.74 -3.47
C ASP A 541 16.27 -13.69 -3.88
N ALA A 542 16.51 -13.59 -5.18
CA ALA A 542 17.47 -12.63 -5.73
C ALA A 542 17.04 -11.19 -5.52
N MET A 543 15.74 -10.93 -5.64
CA MET A 543 15.19 -9.57 -5.60
C MET A 543 14.65 -9.20 -4.23
N HIS A 544 14.69 -10.14 -3.29
CA HIS A 544 14.08 -9.95 -1.97
C HIS A 544 12.63 -9.48 -2.09
N ILE A 545 11.85 -10.17 -2.92
CA ILE A 545 10.42 -9.92 -3.00
C ILE A 545 9.74 -11.13 -2.35
N PRO A 546 8.99 -10.91 -1.26
CA PRO A 546 8.28 -12.05 -0.67
C PRO A 546 7.39 -12.72 -1.69
N HIS A 547 7.45 -14.05 -1.77
CA HIS A 547 6.81 -14.79 -2.84
C HIS A 547 5.90 -15.84 -2.23
N LEU A 548 4.61 -15.69 -2.47
CA LEU A 548 3.61 -16.58 -1.89
C LEU A 548 3.18 -17.56 -2.96
N PHE A 549 3.67 -18.80 -2.82
CA PHE A 549 3.53 -19.79 -3.86
C PHE A 549 2.40 -20.77 -3.58
N ILE A 550 1.44 -20.83 -4.51
CA ILE A 550 0.31 -21.75 -4.43
C ILE A 550 0.52 -22.78 -5.52
N GLN A 551 0.90 -24.00 -5.13
CA GLN A 551 1.09 -25.06 -6.10
C GLN A 551 -0.21 -25.51 -6.74
N ARG A 552 -0.19 -25.56 -8.07
CA ARG A 552 -1.27 -26.15 -8.84
C ARG A 552 -0.80 -27.46 -9.44
N SER A 553 -1.68 -28.45 -9.46
CA SER A 553 -1.34 -29.73 -10.06
C SER A 553 -1.89 -29.71 -11.47
N THR A 554 -1.43 -30.65 -12.29
CA THR A 554 -1.87 -30.72 -13.68
C THR A 554 -3.15 -31.55 -13.79
N ALA A 555 -4.21 -30.94 -14.29
CA ALA A 555 -5.44 -31.67 -14.62
C ALA A 555 -6.05 -32.38 -13.42
N GLY A 556 -5.89 -31.80 -12.24
CA GLY A 556 -6.46 -32.37 -11.03
C GLY A 556 -5.75 -33.61 -10.53
N THR A 557 -4.60 -33.92 -11.12
CA THR A 557 -3.79 -35.05 -10.67
C THR A 557 -3.37 -34.74 -9.24
N PRO A 558 -3.26 -35.77 -8.39
CA PRO A 558 -2.74 -35.53 -7.04
C PRO A 558 -1.38 -34.84 -7.04
N ARG A 559 -1.17 -33.98 -6.06
CA ARG A 559 0.07 -33.22 -5.97
C ARG A 559 1.22 -34.09 -5.55
N SER A 560 2.39 -33.77 -6.09
CA SER A 560 3.65 -34.30 -5.60
C SER A 560 4.53 -33.11 -5.30
N GLY A 561 5.42 -33.25 -4.33
CA GLY A 561 6.28 -32.15 -3.94
C GLY A 561 7.07 -31.60 -5.10
N CYS A 562 7.34 -30.30 -5.07
CA CYS A 562 8.10 -29.65 -6.11
C CYS A 562 9.59 -29.94 -5.95
N GLY A 563 10.03 -29.98 -4.71
CA GLY A 563 11.44 -30.18 -4.42
C GLY A 563 12.21 -28.88 -4.51
N LEU A 564 11.51 -27.77 -4.29
CA LEU A 564 12.14 -26.45 -4.31
C LEU A 564 13.28 -26.38 -3.31
N THR A 565 14.49 -26.19 -3.82
CA THR A 565 15.69 -26.17 -2.99
C THR A 565 15.72 -24.93 -2.12
N ARG A 566 15.53 -25.12 -0.81
CA ARG A 566 15.57 -24.01 0.13
C ARG A 566 16.99 -23.44 0.21
N SER A 567 17.08 -22.16 0.53
CA SER A 567 18.37 -21.47 0.63
C SER A 567 18.97 -21.65 2.02
N ASN A 568 20.16 -22.23 2.08
CA ASN A 568 20.85 -22.44 3.34
C ASN A 568 21.57 -21.17 3.81
N ARG A 569 22.67 -20.85 3.13
CA ARG A 569 23.44 -19.65 3.47
C ARG A 569 22.66 -18.39 3.14
N ASN A 570 21.72 -18.50 2.21
CA ASN A 570 20.90 -17.38 1.79
C ASN A 570 19.53 -17.43 2.46
N ASP A 571 18.86 -16.27 2.52
CA ASP A 571 17.52 -16.21 3.07
C ASP A 571 16.50 -16.53 1.97
N ASP A 572 15.49 -17.32 2.31
CA ASP A 572 14.51 -17.79 1.33
C ASP A 572 13.24 -16.95 1.42
N TYR A 573 12.90 -16.29 0.32
CA TYR A 573 11.77 -15.37 0.28
C TYR A 573 10.49 -16.03 -0.20
N THR A 574 10.55 -17.32 -0.52
CA THR A 574 9.35 -18.02 -0.98
C THR A 574 8.64 -18.70 0.18
N LEU A 575 7.36 -18.40 0.30
CA LEU A 575 6.46 -19.06 1.24
C LEU A 575 5.51 -20.02 0.54
N SER A 576 5.48 -21.26 0.98
CA SER A 576 4.62 -22.27 0.37
C SER A 576 3.27 -22.24 1.08
N VAL A 577 2.23 -21.87 0.35
CA VAL A 577 0.94 -21.58 0.96
C VAL A 577 0.16 -22.85 1.20
N ARG A 578 0.17 -23.75 0.23
CA ARG A 578 -0.41 -25.08 0.41
C ARG A 578 0.46 -25.92 1.34
N PRO A 579 -0.16 -26.78 2.15
CA PRO A 579 0.66 -27.64 3.02
C PRO A 579 1.50 -28.65 2.25
N PRO A 580 2.50 -29.24 2.91
CA PRO A 580 3.27 -30.36 2.35
C PRO A 580 2.40 -31.49 1.85
N VAL A 581 2.89 -32.23 0.87
CA VAL A 581 2.16 -33.37 0.34
C VAL A 581 2.34 -34.54 1.30
N TYR A 582 1.23 -34.95 1.92
CA TYR A 582 1.25 -36.04 2.88
C TYR A 582 0.57 -37.29 2.33
N LEU A 583 0.23 -37.27 1.05
CA LEU A 583 -0.45 -38.37 0.40
C LEU A 583 0.17 -39.73 0.72
N HIS A 584 1.49 -39.81 0.59
CA HIS A 584 2.21 -41.06 0.84
C HIS A 584 2.07 -41.55 2.28
N ASP A 585 2.13 -40.63 3.24
CA ASP A 585 1.92 -40.98 4.63
C ASP A 585 0.50 -41.47 4.86
N VAL A 586 -0.49 -40.75 4.33
CA VAL A 586 -1.88 -41.09 4.59
C VAL A 586 -2.27 -42.43 3.99
N ILE A 587 -1.84 -42.66 2.76
CA ILE A 587 -2.23 -43.87 2.05
C ILE A 587 -1.62 -45.10 2.72
N LEU A 588 -0.39 -44.96 3.19
CA LEU A 588 0.27 -46.03 3.93
C LEU A 588 -0.44 -46.38 5.23
N ARG A 589 -0.84 -45.34 5.96
CA ARG A 589 -1.53 -45.52 7.23
C ARG A 589 -2.84 -46.26 7.02
N VAL A 590 -3.60 -45.85 6.01
CA VAL A 590 -4.90 -46.46 5.74
C VAL A 590 -4.76 -47.90 5.28
N VAL A 591 -3.78 -48.14 4.42
CA VAL A 591 -3.50 -49.47 3.90
C VAL A 591 -3.10 -50.39 5.05
N THR A 592 -2.31 -49.86 5.97
CA THR A 592 -1.90 -50.60 7.16
C THR A 592 -3.10 -51.00 8.03
N GLU A 593 -3.99 -50.05 8.27
CA GLU A 593 -5.25 -50.34 8.96
C GLU A 593 -6.10 -51.43 8.33
N TYR A 594 -6.14 -51.50 7.00
CA TYR A 594 -6.94 -52.54 6.35
C TYR A 594 -6.20 -53.87 6.22
N ALA A 595 -4.96 -53.92 6.72
CA ALA A 595 -4.15 -55.13 6.62
C ALA A 595 -3.99 -55.67 5.21
N TRP A 596 -3.90 -54.79 4.22
CA TRP A 596 -3.63 -55.23 2.85
C TRP A 596 -2.23 -55.81 2.74
N GLN A 597 -2.10 -56.84 1.90
CA GLN A 597 -0.82 -57.49 1.64
C GLN A 597 -0.55 -57.54 0.14
N LYS A 598 -1.61 -57.37 -0.66
CA LYS A 598 -1.49 -57.44 -2.11
C LYS A 598 -2.51 -56.52 -2.75
N PHE A 599 -2.03 -55.62 -3.60
CA PHE A 599 -2.89 -54.63 -4.23
C PHE A 599 -2.18 -53.96 -5.39
N ILE A 600 -2.94 -53.22 -6.19
CA ILE A 600 -2.43 -52.56 -7.38
C ILE A 600 -2.61 -51.07 -7.26
N ILE A 601 -1.59 -50.30 -7.65
CA ILE A 601 -1.69 -48.84 -7.64
C ILE A 601 -1.87 -48.34 -9.05
N PHE A 602 -2.97 -47.61 -9.25
CA PHE A 602 -3.27 -47.04 -10.54
C PHE A 602 -3.04 -45.54 -10.45
N TYR A 603 -2.37 -44.95 -11.43
CA TYR A 603 -2.12 -43.52 -11.43
C TYR A 603 -2.40 -42.98 -12.82
N ASP A 604 -2.82 -41.72 -12.90
CA ASP A 604 -3.11 -41.12 -14.20
C ASP A 604 -1.84 -40.68 -14.91
N SER A 605 -2.01 -40.17 -16.12
CA SER A 605 -0.88 -39.88 -17.00
C SER A 605 -0.13 -38.59 -16.68
N GLU A 606 -0.64 -37.80 -15.74
CA GLU A 606 0.06 -36.60 -15.29
C GLU A 606 0.76 -36.74 -13.95
N TYR A 607 0.47 -37.82 -13.22
CA TYR A 607 0.98 -37.96 -11.87
C TYR A 607 2.49 -38.23 -11.83
N ASP A 608 3.14 -37.62 -10.86
CA ASP A 608 4.58 -37.76 -10.66
C ASP A 608 4.82 -38.79 -9.57
N ILE A 609 5.29 -39.97 -9.97
CA ILE A 609 5.35 -41.12 -9.09
C ILE A 609 6.41 -40.99 -8.01
N ARG A 610 7.28 -39.99 -8.10
CA ARG A 610 8.17 -39.68 -6.99
C ARG A 610 7.39 -39.40 -5.72
N GLY A 611 6.16 -38.96 -5.89
CA GLY A 611 5.25 -38.75 -4.77
C GLY A 611 5.02 -39.98 -3.92
N ILE A 612 5.11 -41.16 -4.53
CA ILE A 612 4.92 -42.42 -3.81
C ILE A 612 6.20 -43.26 -3.68
N GLN A 613 7.35 -42.70 -4.04
CA GLN A 613 8.61 -43.45 -3.94
C GLN A 613 8.83 -43.97 -2.53
N GLU A 614 8.50 -43.13 -1.54
CA GLU A 614 8.67 -43.52 -0.15
C GLU A 614 7.67 -44.59 0.23
N PHE A 615 6.47 -44.50 -0.34
CA PHE A 615 5.42 -45.47 -0.10
C PHE A 615 5.83 -46.83 -0.66
N LEU A 616 6.33 -46.84 -1.89
CA LEU A 616 6.80 -48.07 -2.53
C LEU A 616 7.92 -48.72 -1.74
N ASP A 617 8.84 -47.91 -1.23
CA ASP A 617 9.91 -48.42 -0.39
C ASP A 617 9.36 -49.18 0.82
N LYS A 618 8.37 -48.59 1.48
CA LYS A 618 7.87 -49.12 2.73
C LYS A 618 7.06 -50.40 2.55
N VAL A 619 6.22 -50.45 1.53
CA VAL A 619 5.44 -51.65 1.26
C VAL A 619 6.35 -52.83 0.89
N SER A 620 7.39 -52.54 0.12
CA SER A 620 8.42 -53.54 -0.19
C SER A 620 9.12 -54.03 1.07
N GLN A 621 9.39 -53.11 1.98
CA GLN A 621 10.08 -53.44 3.22
C GLN A 621 9.23 -54.34 4.11
N GLN A 622 7.92 -54.18 4.01
CA GLN A 622 6.98 -55.02 4.76
C GLN A 622 6.57 -56.26 3.97
N GLY A 623 7.18 -56.47 2.81
CA GLY A 623 7.00 -57.70 2.06
C GLY A 623 5.71 -57.81 1.26
N MET A 624 5.05 -56.68 1.01
CA MET A 624 3.80 -56.69 0.25
C MET A 624 4.06 -56.88 -1.24
N ASP A 625 3.01 -57.31 -1.94
CA ASP A 625 3.02 -57.49 -3.39
C ASP A 625 2.26 -56.37 -4.07
N VAL A 626 2.99 -55.37 -4.56
CA VAL A 626 2.37 -54.16 -5.11
C VAL A 626 2.69 -53.93 -6.58
N ALA A 627 1.64 -53.93 -7.39
CA ALA A 627 1.73 -53.69 -8.82
C ALA A 627 1.53 -52.21 -9.13
N LEU A 628 2.18 -51.73 -10.19
CA LEU A 628 1.98 -50.37 -10.68
C LEU A 628 1.48 -50.34 -12.12
N GLN A 629 0.51 -49.47 -12.40
CA GLN A 629 0.11 -49.21 -13.77
C GLN A 629 -0.33 -47.76 -13.96
N LYS A 630 0.14 -47.15 -15.04
CA LYS A 630 -0.36 -45.85 -15.47
C LYS A 630 -1.67 -46.07 -16.19
N VAL A 631 -2.67 -45.24 -15.90
CA VAL A 631 -3.91 -45.27 -16.67
C VAL A 631 -3.94 -44.19 -17.74
N GLU A 632 -3.93 -44.61 -19.01
CA GLU A 632 -4.04 -43.69 -20.13
C GLU A 632 -5.30 -42.83 -19.98
N ASN A 633 -5.29 -41.64 -20.57
CA ASN A 633 -6.42 -40.72 -20.43
C ASN A 633 -7.70 -41.18 -21.14
N ASN A 634 -7.57 -42.00 -22.19
CA ASN A 634 -8.73 -42.70 -22.74
C ASN A 634 -8.82 -44.15 -22.26
N ILE A 635 -9.68 -44.36 -21.26
CA ILE A 635 -9.89 -45.68 -20.67
C ILE A 635 -10.50 -46.70 -21.64
N ASN A 636 -11.33 -46.25 -22.56
CA ASN A 636 -12.11 -47.16 -23.38
C ASN A 636 -11.21 -48.02 -24.26
N LYS A 637 -10.18 -47.40 -24.82
CA LYS A 637 -9.28 -48.11 -25.72
C LYS A 637 -8.26 -48.91 -24.91
N MET A 638 -7.96 -48.43 -23.71
CA MET A 638 -7.09 -49.17 -22.78
C MET A 638 -7.62 -50.55 -22.40
N ILE A 639 -8.84 -50.57 -21.91
CA ILE A 639 -9.49 -51.82 -21.50
C ILE A 639 -9.89 -52.70 -22.67
N THR A 640 -10.32 -52.09 -23.77
CA THR A 640 -10.63 -52.87 -24.96
C THR A 640 -9.36 -53.57 -25.42
N THR A 641 -8.28 -52.79 -25.58
CA THR A 641 -6.96 -53.33 -25.91
C THR A 641 -6.60 -54.51 -25.02
N LEU A 642 -6.85 -54.34 -23.72
CA LEU A 642 -6.51 -55.32 -22.72
C LEU A 642 -7.09 -56.70 -22.99
N PHE A 643 -8.41 -56.77 -23.17
CA PHE A 643 -9.07 -58.04 -23.39
C PHE A 643 -8.56 -58.73 -24.64
N ASP A 644 -8.47 -57.99 -25.74
CA ASP A 644 -7.84 -58.49 -26.95
C ASP A 644 -6.41 -59.00 -26.70
N THR A 645 -5.53 -58.07 -26.32
CA THR A 645 -4.13 -58.37 -26.03
C THR A 645 -3.89 -59.54 -25.07
N MET A 646 -4.48 -59.48 -23.88
CA MET A 646 -4.17 -60.45 -22.84
C MET A 646 -4.96 -61.73 -23.04
N ARG A 647 -4.36 -62.85 -22.68
CA ARG A 647 -5.09 -64.11 -22.73
C ARG A 647 -5.78 -64.37 -21.40
N ILE A 648 -6.57 -65.43 -21.37
CA ILE A 648 -7.43 -65.79 -20.24
C ILE A 648 -6.67 -65.81 -18.91
N GLU A 649 -5.68 -66.69 -18.82
CA GLU A 649 -4.91 -66.88 -17.60
C GLU A 649 -4.27 -65.58 -17.09
N GLU A 650 -4.03 -64.63 -17.99
CA GLU A 650 -3.51 -63.34 -17.57
C GLU A 650 -4.64 -62.53 -16.94
N LEU A 651 -5.79 -62.52 -17.59
CA LEU A 651 -6.94 -61.77 -17.09
C LEU A 651 -7.45 -62.27 -15.73
N ASN A 652 -7.42 -63.58 -15.53
CA ASN A 652 -7.69 -64.16 -14.22
C ASN A 652 -6.71 -63.69 -13.15
N ARG A 653 -5.44 -63.63 -13.52
CA ARG A 653 -4.42 -63.07 -12.64
C ARG A 653 -4.74 -61.61 -12.41
N TYR A 654 -5.17 -60.94 -13.47
CA TYR A 654 -5.43 -59.52 -13.42
C TYR A 654 -6.66 -59.20 -12.57
N ARG A 655 -7.76 -59.90 -12.82
CA ARG A 655 -8.95 -59.82 -11.98
C ARG A 655 -8.65 -59.96 -10.49
N ASP A 656 -7.86 -60.97 -10.12
CA ASP A 656 -7.53 -61.21 -8.72
C ASP A 656 -6.83 -59.99 -8.14
N THR A 657 -5.88 -59.46 -8.92
CA THR A 657 -5.07 -58.31 -8.52
C THR A 657 -5.91 -57.05 -8.26
N LEU A 658 -6.97 -56.88 -9.04
CA LEU A 658 -7.87 -55.74 -8.90
C LEU A 658 -8.80 -55.79 -7.70
N ARG A 659 -8.79 -56.87 -6.94
CA ARG A 659 -9.68 -56.99 -5.79
C ARG A 659 -9.31 -55.94 -4.75
N ARG A 660 -8.05 -55.52 -4.77
CA ARG A 660 -7.56 -54.47 -3.89
C ARG A 660 -6.76 -53.48 -4.73
N ALA A 661 -7.22 -52.24 -4.82
CA ALA A 661 -6.55 -51.25 -5.64
C ALA A 661 -6.54 -49.88 -5.00
N ILE A 662 -5.54 -49.09 -5.37
CA ILE A 662 -5.46 -47.69 -5.00
C ILE A 662 -5.41 -46.84 -6.25
N LEU A 663 -6.24 -45.82 -6.31
CA LEU A 663 -6.25 -44.93 -7.45
C LEU A 663 -5.61 -43.61 -7.05
N VAL A 664 -4.55 -43.23 -7.74
CA VAL A 664 -3.87 -41.97 -7.50
C VAL A 664 -4.05 -41.16 -8.76
N MET A 665 -5.25 -40.62 -8.92
CA MET A 665 -5.61 -39.93 -10.15
C MET A 665 -6.69 -38.88 -9.92
N ASN A 666 -6.87 -38.03 -10.91
CA ASN A 666 -7.93 -37.03 -10.83
C ASN A 666 -9.28 -37.74 -10.92
N PRO A 667 -10.32 -37.16 -10.29
CA PRO A 667 -11.61 -37.85 -10.19
C PRO A 667 -12.28 -38.13 -11.53
N ALA A 668 -12.08 -37.27 -12.52
CA ALA A 668 -12.67 -37.47 -13.83
C ALA A 668 -12.19 -38.77 -14.47
N THR A 669 -10.89 -39.00 -14.39
CA THR A 669 -10.31 -40.20 -14.99
C THR A 669 -10.74 -41.41 -14.17
N ALA A 670 -10.81 -41.24 -12.86
CA ALA A 670 -11.22 -42.32 -11.96
C ALA A 670 -12.66 -42.74 -12.22
N LYS A 671 -13.55 -41.77 -12.41
CA LYS A 671 -14.94 -42.05 -12.76
C LYS A 671 -15.05 -42.96 -13.96
N SER A 672 -14.38 -42.59 -15.03
CA SER A 672 -14.43 -43.33 -16.29
C SER A 672 -13.82 -44.71 -16.11
N PHE A 673 -12.72 -44.74 -15.39
CA PHE A 673 -11.99 -45.97 -15.12
C PHE A 673 -12.79 -46.98 -14.29
N ILE A 674 -13.37 -46.53 -13.19
CA ILE A 674 -14.27 -47.37 -12.39
C ILE A 674 -15.43 -47.95 -13.18
N THR A 675 -16.15 -47.11 -13.90
CA THR A 675 -17.24 -47.58 -14.73
C THR A 675 -16.83 -48.68 -15.71
N GLU A 676 -15.77 -48.42 -16.48
CA GLU A 676 -15.37 -49.35 -17.52
C GLU A 676 -14.93 -50.72 -16.96
N VAL A 677 -14.23 -50.74 -15.84
CA VAL A 677 -13.83 -52.02 -15.23
C VAL A 677 -15.04 -52.76 -14.68
N VAL A 678 -15.96 -52.03 -14.06
CA VAL A 678 -17.19 -52.61 -13.53
C VAL A 678 -18.01 -53.24 -14.65
N GLU A 679 -18.28 -52.46 -15.70
CA GLU A 679 -19.10 -52.92 -16.81
C GLU A 679 -18.48 -54.12 -17.53
N THR A 680 -17.15 -54.19 -17.54
CA THR A 680 -16.44 -55.29 -18.18
C THR A 680 -16.14 -56.46 -17.25
N ASN A 681 -16.77 -56.45 -16.07
CA ASN A 681 -16.64 -57.52 -15.09
C ASN A 681 -15.21 -57.87 -14.67
N LEU A 682 -14.35 -56.86 -14.56
CA LEU A 682 -12.98 -57.07 -14.07
C LEU A 682 -12.89 -56.97 -12.55
N VAL A 683 -13.96 -56.47 -11.94
CA VAL A 683 -14.07 -56.43 -10.49
C VAL A 683 -15.41 -57.00 -10.07
N ALA A 684 -15.55 -57.32 -8.80
CA ALA A 684 -16.81 -57.85 -8.30
C ALA A 684 -17.12 -57.31 -6.91
N PHE A 685 -18.17 -57.84 -6.31
CA PHE A 685 -18.74 -57.30 -5.09
C PHE A 685 -17.75 -57.31 -3.93
N ASP A 686 -16.77 -58.20 -4.01
CA ASP A 686 -15.79 -58.37 -2.95
C ASP A 686 -14.61 -57.41 -3.04
N CYS A 687 -14.59 -56.57 -4.07
CA CYS A 687 -13.43 -55.70 -4.28
C CYS A 687 -13.47 -54.56 -3.27
N HIS A 688 -12.33 -53.91 -3.10
CA HIS A 688 -12.20 -52.78 -2.21
C HIS A 688 -11.19 -51.85 -2.85
N TRP A 689 -11.66 -50.66 -3.25
CA TRP A 689 -10.79 -49.71 -3.90
C TRP A 689 -10.66 -48.43 -3.09
N ILE A 690 -9.47 -47.84 -3.15
CA ILE A 690 -9.19 -46.61 -2.45
C ILE A 690 -8.84 -45.53 -3.44
N ILE A 691 -9.45 -44.35 -3.28
CA ILE A 691 -9.15 -43.23 -4.13
C ILE A 691 -8.57 -42.15 -3.25
N ILE A 692 -7.43 -41.60 -3.64
CA ILE A 692 -6.79 -40.58 -2.83
C ILE A 692 -6.35 -39.42 -3.70
N ASN A 693 -6.81 -38.25 -3.30
CA ASN A 693 -6.51 -37.01 -3.99
C ASN A 693 -6.93 -35.91 -3.05
N GLU A 694 -6.09 -34.90 -2.87
CA GLU A 694 -6.48 -33.73 -2.10
C GLU A 694 -7.77 -33.14 -2.62
N GLU A 695 -7.93 -33.17 -3.94
CA GLU A 695 -9.01 -32.46 -4.58
C GLU A 695 -10.01 -33.43 -5.17
N ILE A 696 -11.10 -33.62 -4.43
CA ILE A 696 -12.27 -34.34 -4.89
C ILE A 696 -13.46 -33.64 -4.29
N ASN A 697 -14.29 -33.01 -5.11
CA ASN A 697 -15.35 -32.20 -4.55
C ASN A 697 -16.54 -33.09 -4.24
N ASP A 698 -17.56 -32.52 -3.61
CA ASP A 698 -18.72 -33.28 -3.18
C ASP A 698 -19.45 -33.93 -4.35
N VAL A 699 -19.49 -33.24 -5.48
CA VAL A 699 -20.15 -33.78 -6.66
C VAL A 699 -19.41 -35.01 -7.18
N ASP A 700 -18.08 -34.94 -7.16
CA ASP A 700 -17.25 -36.06 -7.58
C ASP A 700 -17.44 -37.27 -6.67
N VAL A 701 -17.45 -37.04 -5.37
CA VAL A 701 -17.58 -38.11 -4.39
C VAL A 701 -18.89 -38.87 -4.59
N GLN A 702 -19.97 -38.13 -4.83
CA GLN A 702 -21.28 -38.75 -4.97
C GLN A 702 -21.31 -39.61 -6.22
N GLU A 703 -20.65 -39.11 -7.26
CA GLU A 703 -20.63 -39.79 -8.55
C GLU A 703 -19.75 -41.04 -8.53
N LEU A 704 -18.62 -40.98 -7.82
CA LEU A 704 -17.76 -42.14 -7.64
C LEU A 704 -18.47 -43.29 -6.94
N VAL A 705 -19.17 -42.96 -5.85
CA VAL A 705 -19.93 -43.94 -5.09
C VAL A 705 -20.97 -44.60 -6.00
N ARG A 706 -21.74 -43.76 -6.70
CA ARG A 706 -22.71 -44.24 -7.67
C ARG A 706 -22.13 -45.25 -8.65
N ARG A 707 -20.90 -45.03 -9.10
CA ARG A 707 -20.31 -45.86 -10.16
C ARG A 707 -19.65 -47.13 -9.63
N SER A 708 -19.38 -47.21 -8.33
CA SER A 708 -18.58 -48.31 -7.82
C SER A 708 -19.54 -49.39 -7.34
N ILE A 709 -19.08 -50.63 -7.24
CA ILE A 709 -19.96 -51.74 -6.88
C ILE A 709 -19.48 -52.62 -5.74
N GLY A 710 -18.28 -52.34 -5.23
CA GLY A 710 -17.78 -53.02 -4.06
C GLY A 710 -17.67 -52.03 -2.92
N ARG A 711 -16.63 -52.20 -2.13
CA ARG A 711 -16.35 -51.24 -1.09
C ARG A 711 -15.53 -50.15 -1.76
N LEU A 712 -15.78 -48.91 -1.39
CA LEU A 712 -14.95 -47.81 -1.88
C LEU A 712 -14.53 -46.95 -0.70
N THR A 713 -13.26 -46.57 -0.69
CA THR A 713 -12.75 -45.62 0.28
C THR A 713 -12.23 -44.38 -0.44
N ILE A 714 -12.66 -43.21 0.00
CA ILE A 714 -12.28 -41.97 -0.63
C ILE A 714 -11.52 -41.12 0.37
N ILE A 715 -10.32 -40.67 -0.03
CA ILE A 715 -9.47 -39.89 0.85
C ILE A 715 -9.22 -38.57 0.18
N ARG A 716 -9.64 -37.50 0.85
CA ARG A 716 -9.52 -36.16 0.31
C ARG A 716 -9.24 -35.16 1.40
N GLN A 717 -8.72 -34.01 1.01
CA GLN A 717 -8.44 -32.95 1.94
C GLN A 717 -9.73 -32.24 2.30
N THR A 718 -9.83 -31.76 3.53
CA THR A 718 -11.04 -31.14 4.03
C THR A 718 -10.64 -29.87 4.75
N PHE A 719 -11.57 -28.92 4.81
CA PHE A 719 -11.27 -27.59 5.35
C PHE A 719 -12.17 -27.18 6.52
N PRO A 720 -11.59 -26.90 7.70
CA PRO A 720 -12.46 -26.67 8.84
C PRO A 720 -13.30 -25.41 8.64
N VAL A 721 -14.61 -25.59 8.43
CA VAL A 721 -15.51 -24.49 8.11
C VAL A 721 -16.68 -24.49 9.09
N PRO A 722 -17.07 -23.29 9.59
CA PRO A 722 -18.05 -23.18 10.68
C PRO A 722 -19.40 -23.87 10.45
N GLN A 723 -20.05 -24.20 11.56
CA GLN A 723 -21.46 -24.60 11.58
C GLN A 723 -22.29 -23.34 11.39
N ASN A 724 -23.61 -23.49 11.24
CA ASN A 724 -24.49 -22.36 10.98
C ASN A 724 -24.10 -21.67 9.69
N ILE A 725 -24.74 -22.10 8.60
CA ILE A 725 -24.36 -21.71 7.25
C ILE A 725 -24.17 -20.21 7.09
N SER A 726 -24.78 -19.43 7.96
CA SER A 726 -24.67 -17.98 7.91
C SER A 726 -23.26 -17.50 8.25
N GLN A 727 -22.64 -18.13 9.25
CA GLN A 727 -21.31 -17.72 9.71
C GLN A 727 -20.19 -18.32 8.84
N ARG A 728 -20.56 -19.09 7.82
CA ARG A 728 -19.58 -19.64 6.90
C ARG A 728 -18.96 -18.54 6.05
N CYS A 729 -19.73 -17.48 5.83
CA CYS A 729 -19.33 -16.40 4.92
C CYS A 729 -18.75 -15.22 5.68
N PHE A 730 -18.39 -15.43 6.94
CA PHE A 730 -17.71 -14.41 7.71
C PHE A 730 -16.52 -15.00 8.44
N ARG A 731 -15.51 -14.18 8.65
CA ARG A 731 -14.47 -14.47 9.63
C ARG A 731 -14.26 -13.23 10.48
N GLY A 732 -14.87 -13.24 11.65
CA GLY A 732 -14.98 -12.05 12.46
C GLY A 732 -15.84 -11.03 11.76
N ASN A 733 -15.34 -9.82 11.60
CA ASN A 733 -16.05 -8.77 10.89
C ASN A 733 -15.87 -8.84 9.37
N HIS A 734 -15.03 -9.76 8.90
CA HIS A 734 -14.73 -9.83 7.47
C HIS A 734 -15.78 -10.66 6.75
N ARG A 735 -16.44 -10.04 5.78
CA ARG A 735 -17.43 -10.70 4.96
C ARG A 735 -16.84 -11.27 3.68
N ILE A 736 -17.11 -12.55 3.44
CA ILE A 736 -16.65 -13.25 2.25
C ILE A 736 -17.80 -13.31 1.28
N SER A 737 -17.51 -13.08 -0.01
CA SER A 737 -18.52 -13.27 -1.05
C SER A 737 -19.20 -14.62 -0.93
N SER A 738 -20.53 -14.59 -0.91
CA SER A 738 -21.36 -15.79 -0.79
C SER A 738 -21.09 -16.85 -1.87
N THR A 739 -20.64 -16.41 -3.03
CA THR A 739 -20.28 -17.30 -4.13
C THR A 739 -19.16 -18.28 -3.80
N LEU A 740 -18.40 -18.00 -2.74
CA LEU A 740 -17.25 -18.81 -2.36
C LEU A 740 -17.54 -19.67 -1.13
N CYS A 741 -18.51 -19.25 -0.33
CA CYS A 741 -18.76 -19.85 0.97
C CYS A 741 -20.13 -20.55 1.03
N ASP A 742 -21.04 -20.23 0.12
CA ASP A 742 -22.30 -20.95 0.03
C ASP A 742 -22.04 -22.30 -0.64
N PRO A 743 -22.16 -23.42 0.12
CA PRO A 743 -21.83 -24.69 -0.54
C PRO A 743 -22.97 -25.28 -1.34
N LYS A 744 -24.08 -24.56 -1.49
CA LYS A 744 -25.05 -24.82 -2.53
C LYS A 744 -24.72 -24.11 -3.84
N ASP A 745 -23.74 -23.21 -3.80
CA ASP A 745 -23.39 -22.43 -4.98
C ASP A 745 -22.60 -23.30 -5.96
N PRO A 746 -22.93 -23.23 -7.26
CA PRO A 746 -22.17 -23.98 -8.25
C PRO A 746 -20.68 -23.64 -8.26
N PHE A 747 -20.34 -22.36 -8.12
CA PHE A 747 -18.94 -21.97 -8.08
C PHE A 747 -18.23 -22.66 -6.93
N ALA A 748 -18.72 -22.42 -5.72
CA ALA A 748 -18.19 -23.06 -4.52
C ALA A 748 -17.95 -24.55 -4.70
N GLN A 749 -18.96 -25.26 -5.20
CA GLN A 749 -18.82 -26.70 -5.42
C GLN A 749 -17.82 -27.06 -6.51
N ASN A 750 -17.53 -26.11 -7.40
CA ASN A 750 -16.55 -26.34 -8.47
C ASN A 750 -15.17 -25.72 -8.23
N MET A 751 -14.95 -25.08 -7.09
CA MET A 751 -13.66 -24.45 -6.85
C MET A 751 -12.54 -25.47 -6.75
N GLU A 752 -11.41 -25.12 -7.35
CA GLU A 752 -10.18 -25.85 -7.17
C GLU A 752 -9.62 -25.49 -5.81
N ILE A 753 -8.80 -26.37 -5.23
CA ILE A 753 -8.24 -26.12 -3.91
C ILE A 753 -7.39 -24.86 -3.95
N SER A 754 -6.64 -24.68 -5.02
CA SER A 754 -5.79 -23.51 -5.16
C SER A 754 -6.60 -22.23 -5.02
N ASN A 755 -7.85 -22.24 -5.49
CA ASN A 755 -8.73 -21.08 -5.36
C ASN A 755 -8.92 -20.65 -3.90
N LEU A 756 -9.07 -21.61 -3.00
CA LEU A 756 -9.27 -21.31 -1.60
C LEU A 756 -8.03 -20.69 -0.98
N TYR A 757 -6.89 -21.26 -1.29
CA TYR A 757 -5.61 -20.76 -0.83
C TYR A 757 -5.32 -19.36 -1.36
N ILE A 758 -5.73 -19.10 -2.60
CA ILE A 758 -5.54 -17.76 -3.18
C ILE A 758 -6.30 -16.73 -2.37
N TYR A 759 -7.55 -17.03 -2.02
CA TYR A 759 -8.31 -16.14 -1.17
C TYR A 759 -7.62 -15.86 0.16
N ASP A 760 -7.19 -16.91 0.85
CA ASP A 760 -6.53 -16.74 2.14
C ASP A 760 -5.18 -16.04 2.00
N THR A 761 -4.54 -16.19 0.86
CA THR A 761 -3.25 -15.53 0.64
C THR A 761 -3.43 -14.03 0.54
N VAL A 762 -4.47 -13.59 -0.16
CA VAL A 762 -4.77 -12.17 -0.27
C VAL A 762 -5.15 -11.66 1.11
N LEU A 763 -5.97 -12.45 1.79
CA LEU A 763 -6.40 -12.17 3.15
C LEU A 763 -5.20 -12.03 4.09
N LEU A 764 -4.26 -12.96 4.00
CA LEU A 764 -3.08 -12.94 4.87
C LEU A 764 -2.20 -11.72 4.64
N LEU A 765 -1.95 -11.42 3.37
CA LEU A 765 -1.18 -10.23 3.00
C LEU A 765 -1.80 -8.95 3.53
N ALA A 766 -3.11 -8.81 3.37
CA ALA A 766 -3.80 -7.62 3.83
C ALA A 766 -3.58 -7.40 5.32
N ASN A 767 -3.71 -8.46 6.11
CA ASN A 767 -3.45 -8.38 7.54
C ASN A 767 -1.98 -8.06 7.84
N ALA A 768 -1.08 -8.62 7.05
CA ALA A 768 0.33 -8.32 7.21
C ALA A 768 0.63 -6.86 6.94
N PHE A 769 0.02 -6.31 5.88
CA PHE A 769 0.25 -4.93 5.52
C PHE A 769 -0.37 -4.02 6.58
N HIS A 770 -1.57 -4.40 7.00
CA HIS A 770 -2.27 -3.69 8.07
C HIS A 770 -1.43 -3.57 9.34
N LYS A 771 -0.92 -4.68 9.84
CA LYS A 771 -0.10 -4.65 11.04
C LYS A 771 1.12 -3.78 10.86
N LYS A 772 1.77 -3.91 9.71
CA LYS A 772 2.95 -3.11 9.41
C LYS A 772 2.63 -1.62 9.36
N LEU A 773 1.47 -1.29 8.78
CA LEU A 773 1.05 0.10 8.69
C LEU A 773 0.67 0.65 10.06
N GLU A 774 -0.12 -0.13 10.79
CA GLU A 774 -0.59 0.25 12.12
C GLU A 774 0.58 0.48 13.07
N ASP A 775 1.61 -0.34 12.96
CA ASP A 775 2.78 -0.24 13.83
C ASP A 775 3.70 0.91 13.41
N ARG A 776 3.36 1.55 12.30
CA ARG A 776 4.08 2.71 11.81
C ARG A 776 5.51 2.32 11.43
N LYS A 777 5.66 1.14 10.82
CA LYS A 777 6.96 0.60 10.44
C LYS A 777 6.96 0.23 8.96
N TRP A 778 6.24 1.00 8.16
CA TRP A 778 6.16 0.77 6.73
C TRP A 778 7.48 1.01 6.04
N HIS A 779 7.82 0.11 5.12
CA HIS A 779 8.89 0.34 4.17
C HIS A 779 8.30 0.24 2.78
N SER A 780 8.52 1.26 1.97
CA SER A 780 7.93 1.34 0.64
C SER A 780 8.45 0.30 -0.33
N MET A 781 7.57 -0.09 -1.26
CA MET A 781 7.97 -0.85 -2.44
C MET A 781 9.00 -0.09 -3.26
N ALA A 782 9.79 -0.83 -4.04
CA ALA A 782 10.80 -0.24 -4.91
C ALA A 782 10.64 -0.76 -6.33
N SER A 783 10.98 0.07 -7.31
CA SER A 783 11.04 -0.37 -8.69
C SER A 783 12.37 -1.08 -8.94
N LEU A 784 12.31 -2.39 -9.15
CA LEU A 784 13.51 -3.20 -9.33
C LEU A 784 13.79 -3.52 -10.79
N SER A 785 15.03 -3.89 -11.07
CA SER A 785 15.43 -4.33 -12.40
C SER A 785 16.02 -5.74 -12.31
N CYS A 786 15.58 -6.62 -13.21
CA CYS A 786 15.95 -8.02 -13.14
C CYS A 786 17.30 -8.30 -13.79
N ILE A 787 17.32 -8.42 -15.10
CA ILE A 787 18.56 -8.72 -15.80
C ILE A 787 19.48 -7.51 -15.77
N ARG A 788 20.10 -7.34 -14.61
CA ARG A 788 21.16 -6.39 -14.41
C ARG A 788 21.99 -6.95 -13.27
N LYS A 789 23.07 -7.65 -13.61
CA LYS A 789 23.94 -8.28 -12.62
C LYS A 789 24.38 -7.27 -11.55
N ASN A 790 24.22 -5.99 -11.87
CA ASN A 790 24.44 -4.91 -10.92
C ASN A 790 23.22 -4.63 -10.04
N SER A 791 22.04 -4.89 -10.58
CA SER A 791 20.77 -4.55 -9.91
C SER A 791 20.72 -5.04 -8.46
N LYS A 792 20.14 -4.21 -7.60
CA LYS A 792 20.05 -4.50 -6.18
C LYS A 792 18.68 -5.05 -5.80
N PRO A 793 18.59 -5.74 -4.66
CA PRO A 793 17.32 -6.26 -4.15
C PRO A 793 16.50 -5.17 -3.46
N TRP A 794 15.23 -5.45 -3.19
CA TRP A 794 14.38 -4.54 -2.44
C TRP A 794 14.80 -4.47 -0.98
N GLN A 795 15.20 -3.29 -0.54
CA GLN A 795 15.66 -3.08 0.83
C GLN A 795 14.56 -3.29 1.86
N GLY A 796 13.32 -3.11 1.43
CA GLY A 796 12.16 -3.44 2.25
C GLY A 796 11.78 -4.91 2.36
N GLY A 797 12.45 -5.77 1.61
CA GLY A 797 11.97 -7.12 1.43
C GLY A 797 12.10 -7.96 2.69
N ARG A 798 13.22 -7.82 3.37
CA ARG A 798 13.49 -8.61 4.57
C ARG A 798 12.45 -8.40 5.66
N SER A 799 12.12 -7.15 5.96
CA SER A 799 11.14 -6.85 7.00
C SER A 799 9.74 -7.26 6.58
N MET A 800 9.42 -7.10 5.31
CA MET A 800 8.10 -7.46 4.82
C MET A 800 7.94 -8.96 4.90
N LEU A 801 8.99 -9.68 4.50
CA LEU A 801 8.97 -11.13 4.52
C LEU A 801 8.75 -11.65 5.93
N GLU A 802 9.48 -11.08 6.87
CA GLU A 802 9.36 -11.47 8.27
C GLU A 802 7.96 -11.22 8.81
N THR A 803 7.37 -10.08 8.45
CA THR A 803 6.01 -9.78 8.85
C THR A 803 4.98 -10.73 8.26
N ILE A 804 5.06 -10.96 6.96
CA ILE A 804 4.17 -11.92 6.31
C ILE A 804 4.35 -13.32 6.87
N LYS A 805 5.62 -13.70 7.07
CA LYS A 805 5.94 -15.04 7.51
C LYS A 805 5.36 -15.35 8.89
N LYS A 806 5.37 -14.35 9.77
CA LYS A 806 4.80 -14.50 11.12
C LYS A 806 3.31 -14.16 11.16
N GLY A 807 2.70 -13.90 10.02
CA GLY A 807 1.27 -13.64 9.96
C GLY A 807 0.42 -14.89 10.10
N GLY A 808 -0.85 -14.70 10.46
CA GLY A 808 -1.83 -15.77 10.42
C GLY A 808 -3.25 -15.27 10.31
N VAL A 809 -4.05 -15.91 9.45
CA VAL A 809 -5.46 -15.55 9.29
C VAL A 809 -6.37 -16.77 9.29
N SER A 810 -7.63 -16.55 9.66
CA SER A 810 -8.67 -17.56 9.52
C SER A 810 -9.38 -17.29 8.20
N GLY A 811 -9.40 -18.28 7.31
CA GLY A 811 -10.06 -18.13 6.02
C GLY A 811 -10.82 -19.35 5.55
N LEU A 812 -10.92 -19.50 4.23
CA LEU A 812 -11.66 -20.58 3.63
C LEU A 812 -11.01 -21.95 3.83
N THR A 813 -9.70 -21.96 4.00
CA THR A 813 -8.96 -23.20 4.19
C THR A 813 -8.88 -23.62 5.66
N GLY A 814 -9.42 -22.79 6.55
CA GLY A 814 -9.17 -22.93 7.97
C GLY A 814 -8.17 -21.89 8.45
N GLU A 815 -7.06 -22.36 8.99
CA GLU A 815 -6.00 -21.47 9.44
C GLU A 815 -4.85 -21.47 8.45
N LEU A 816 -4.45 -20.28 8.02
CA LEU A 816 -3.27 -20.14 7.18
C LEU A 816 -2.21 -19.41 7.98
N GLU A 817 -1.02 -19.99 8.03
CA GLU A 817 0.08 -19.45 8.81
C GLU A 817 1.33 -20.15 8.33
N PHE A 818 2.50 -19.72 8.80
CA PHE A 818 3.75 -20.34 8.37
C PHE A 818 4.60 -20.72 9.57
N GLY A 819 5.25 -21.88 9.49
CA GLY A 819 6.21 -22.28 10.48
C GLY A 819 7.59 -21.68 10.24
N GLU A 820 8.54 -22.07 11.08
CA GLU A 820 9.90 -21.58 10.98
C GLU A 820 10.55 -21.89 9.64
N ASN A 821 10.10 -22.97 8.98
CA ASN A 821 10.65 -23.34 7.68
C ASN A 821 9.96 -22.67 6.50
N GLY A 822 9.05 -21.75 6.77
CA GLY A 822 8.40 -20.99 5.71
C GLY A 822 7.24 -21.67 5.02
N GLY A 823 6.78 -22.79 5.57
CA GLY A 823 5.68 -23.53 4.95
C GLY A 823 4.48 -23.70 5.86
N ASN A 824 3.30 -23.73 5.24
CA ASN A 824 2.05 -23.93 5.97
C ASN A 824 2.00 -25.34 6.55
N PRO A 825 1.83 -25.47 7.87
CA PRO A 825 1.78 -26.82 8.45
C PRO A 825 0.38 -27.42 8.52
N ASN A 826 -0.66 -26.62 8.33
CA ASN A 826 -2.02 -27.09 8.59
C ASN A 826 -2.60 -27.86 7.42
N VAL A 827 -3.05 -29.08 7.69
CA VAL A 827 -3.73 -29.86 6.67
C VAL A 827 -4.58 -30.92 7.35
N HIS A 828 -5.71 -31.25 6.73
CA HIS A 828 -6.62 -32.26 7.27
C HIS A 828 -7.17 -33.09 6.14
N PHE A 829 -7.26 -34.40 6.37
CA PHE A 829 -7.81 -35.31 5.39
C PHE A 829 -9.00 -35.99 6.05
N GLU A 830 -10.08 -36.19 5.29
CA GLU A 830 -11.18 -37.02 5.74
C GLU A 830 -11.19 -38.32 4.96
N ILE A 831 -11.73 -39.36 5.58
CA ILE A 831 -11.78 -40.68 4.96
C ILE A 831 -13.22 -41.14 4.89
N LEU A 832 -13.71 -41.34 3.67
CA LEU A 832 -15.10 -41.68 3.44
C LEU A 832 -15.17 -43.13 2.97
N GLY A 833 -16.30 -43.77 3.20
CA GLY A 833 -16.47 -45.16 2.83
C GLY A 833 -17.89 -45.53 2.43
N THR A 834 -18.02 -46.67 1.76
CA THR A 834 -19.31 -47.31 1.56
C THR A 834 -19.09 -48.73 1.05
N ASN A 835 -19.77 -49.70 1.67
CA ASN A 835 -19.64 -51.11 1.30
C ASN A 835 -20.63 -51.50 0.21
N TYR A 836 -21.42 -50.53 -0.25
CA TYR A 836 -22.50 -50.77 -1.22
C TYR A 836 -23.65 -51.53 -0.55
N GLY A 837 -24.88 -51.17 -0.91
CA GLY A 837 -26.06 -51.80 -0.36
C GLY A 837 -26.46 -51.23 0.98
N GLY A 843 -25.35 -43.06 0.79
CA GLY A 843 -24.81 -44.34 1.21
C GLY A 843 -23.39 -44.22 1.74
N VAL A 844 -22.75 -43.10 1.43
CA VAL A 844 -21.38 -42.85 1.88
C VAL A 844 -21.37 -42.28 3.29
N ARG A 845 -20.38 -42.67 4.09
CA ARG A 845 -20.22 -42.09 5.42
C ARG A 845 -18.78 -41.89 5.85
N LYS A 846 -18.60 -41.07 6.88
CA LYS A 846 -17.29 -40.69 7.35
C LYS A 846 -16.72 -41.82 8.19
N LEU A 847 -15.58 -42.36 7.81
CA LEU A 847 -14.95 -43.41 8.60
C LEU A 847 -13.98 -42.83 9.61
N GLY A 848 -13.27 -41.78 9.21
CA GLY A 848 -12.25 -41.20 10.06
C GLY A 848 -11.65 -39.95 9.48
N CYS A 849 -10.62 -39.45 10.17
CA CYS A 849 -9.97 -38.19 9.82
C CYS A 849 -8.48 -38.46 9.92
N TRP A 850 -7.68 -37.70 9.18
CA TRP A 850 -6.24 -37.74 9.38
C TRP A 850 -5.64 -36.35 9.30
N ASN A 851 -4.69 -36.11 10.19
CA ASN A 851 -3.81 -34.96 10.11
C ASN A 851 -2.42 -35.36 10.59
N PRO A 852 -1.39 -34.59 10.22
CA PRO A 852 -0.03 -35.05 10.48
C PRO A 852 0.47 -34.95 11.92
N VAL A 853 -0.26 -34.33 12.84
CA VAL A 853 0.18 -34.23 14.23
C VAL A 853 -0.48 -35.30 15.09
N THR A 854 -1.81 -35.34 15.09
CA THR A 854 -2.55 -36.31 15.89
C THR A 854 -2.61 -37.66 15.20
N GLY A 855 -2.51 -37.67 13.87
CA GLY A 855 -2.59 -38.91 13.13
C GLY A 855 -4.01 -39.32 12.81
N LEU A 856 -4.24 -40.62 12.77
CA LEU A 856 -5.54 -41.18 12.44
C LEU A 856 -6.51 -41.21 13.61
N ASN A 857 -7.74 -40.80 13.33
CA ASN A 857 -8.83 -40.84 14.30
C ASN A 857 -10.07 -41.49 13.72
N GLY A 858 -10.73 -42.32 14.53
CA GLY A 858 -11.70 -43.28 14.01
C GLY A 858 -11.08 -44.59 13.57
N SER A 859 -11.91 -45.46 12.99
CA SER A 859 -11.44 -46.67 12.33
C SER A 859 -10.91 -46.37 10.93
CA CA B . -23.08 -47.99 -6.18
#